data_3WZT
#
_entry.id   3WZT
#
_cell.length_a   196.4
_cell.length_b   196.4
_cell.length_c   196.4
_cell.angle_alpha   90.0
_cell.angle_beta   90.0
_cell.angle_gamma   90.0
#
_symmetry.space_group_name_H-M   'I 2 3'
#
_entity_poly.entity_id   1
_entity_poly.type   'polypeptide(L)'
_entity_poly.pdbx_seq_one_letter_code
;GSNVNKIYIENHDL(MSE)SKVPVIEASKESTRDDWAALTVVADLDDIEGQELVYYALRFRKSNDGVRLDIVHNPKDTSR
SPSVLAQRLKSREDKLLDFTRFLDLETALETGEFEPDVAYDASLANFLASSN(MSE)KAGDNFVILNGRVLGPITSADDF
KKEDFEVFLQA
;
_entity_poly.pdbx_strand_id   A,B,C,D,E,F
#
# COMPACT_ATOMS: atom_id res chain seq x y z
N ASN A 5 -7.27 -31.25 5.99
CA ASN A 5 -6.82 -29.93 5.45
C ASN A 5 -7.14 -29.75 3.97
N LYS A 6 -7.21 -30.83 3.22
CA LYS A 6 -6.87 -30.78 1.80
C LYS A 6 -7.77 -29.81 1.04
N ILE A 7 -9.04 -29.72 1.48
CA ILE A 7 -10.00 -28.71 0.99
C ILE A 7 -9.46 -27.29 1.13
N TYR A 8 -8.82 -27.01 2.26
CA TYR A 8 -8.38 -25.65 2.56
C TYR A 8 -7.17 -25.35 1.73
N ILE A 9 -6.38 -26.37 1.47
CA ILE A 9 -5.09 -26.19 0.79
C ILE A 9 -5.26 -26.10 -0.73
N GLU A 10 -6.09 -27.00 -1.27
CA GLU A 10 -6.33 -27.04 -2.70
C GLU A 10 -7.07 -25.83 -3.28
N ASN A 11 -7.53 -24.91 -2.44
CA ASN A 11 -8.45 -23.90 -2.93
C ASN A 11 -8.08 -22.48 -2.57
N HIS A 12 -6.83 -22.23 -2.20
CA HIS A 12 -6.41 -20.93 -1.69
C HIS A 12 -6.88 -19.75 -2.58
N ASP A 13 -7.01 -19.96 -3.89
CA ASP A 13 -7.38 -18.84 -4.77
C ASP A 13 -8.77 -18.35 -4.46
N LEU A 14 -9.74 -19.24 -4.60
CA LEU A 14 -11.10 -18.99 -4.22
C LEU A 14 -11.23 -18.42 -2.83
N MSE A 15 -10.72 -19.13 -1.85
CA MSE A 15 -10.92 -18.74 -0.45
C MSE A 15 -10.28 -17.40 -0.15
O MSE A 15 -10.63 -16.76 0.82
CB MSE A 15 -10.50 -19.87 0.50
CG MSE A 15 -11.59 -20.95 0.37
SE MSE A 15 -11.05 -22.65 1.18
CE MSE A 15 -12.54 -23.81 0.65
N SER A 16 -9.33 -16.98 -0.97
CA SER A 16 -8.73 -15.65 -0.83
C SER A 16 -9.61 -14.53 -1.35
N LYS A 17 -10.65 -14.89 -2.10
CA LYS A 17 -11.49 -13.90 -2.76
C LYS A 17 -12.85 -13.71 -2.12
N VAL A 18 -13.21 -14.62 -1.24
CA VAL A 18 -14.53 -14.62 -0.64
C VAL A 18 -14.57 -13.69 0.56
N PRO A 19 -15.78 -13.35 1.01
CA PRO A 19 -15.95 -12.54 2.22
C PRO A 19 -15.54 -13.32 3.41
N VAL A 20 -14.81 -12.67 4.31
CA VAL A 20 -14.36 -13.31 5.53
C VAL A 20 -14.61 -12.40 6.75
N ILE A 21 -15.29 -12.96 7.74
CA ILE A 21 -15.28 -12.42 9.10
C ILE A 21 -14.29 -13.17 9.97
N GLU A 22 -13.19 -12.49 10.32
CA GLU A 22 -12.13 -13.14 11.06
C GLU A 22 -12.68 -13.36 12.45
N ALA A 23 -12.28 -14.46 13.10
CA ALA A 23 -12.50 -14.58 14.52
C ALA A 23 -11.88 -13.37 15.24
N SER A 24 -12.48 -12.98 16.36
CA SER A 24 -11.97 -11.88 17.18
C SER A 24 -10.55 -12.16 17.69
N LYS A 25 -9.73 -11.12 17.78
CA LYS A 25 -8.41 -11.23 18.41
C LYS A 25 -8.55 -11.60 19.88
N GLU A 26 -9.64 -11.15 20.49
CA GLU A 26 -9.86 -11.26 21.93
C GLU A 26 -10.64 -12.51 22.34
N SER A 27 -11.06 -13.33 21.37
CA SER A 27 -11.43 -14.72 21.65
C SER A 27 -10.21 -15.60 21.94
N THR A 28 -10.47 -16.79 22.50
CA THR A 28 -9.39 -17.75 22.81
C THR A 28 -9.16 -18.77 21.69
N ARG A 29 -8.07 -19.52 21.80
CA ARG A 29 -7.82 -20.66 20.90
C ARG A 29 -8.80 -21.82 21.12
N ASP A 30 -9.29 -22.04 22.34
CA ASP A 30 -10.29 -23.09 22.56
C ASP A 30 -11.66 -22.75 21.96
N ASP A 31 -11.93 -21.46 21.77
CA ASP A 31 -13.15 -21.02 21.08
C ASP A 31 -13.03 -21.12 19.54
N TRP A 32 -11.80 -21.18 19.01
CA TRP A 32 -11.55 -20.89 17.58
C TRP A 32 -12.01 -22.01 16.67
N ALA A 33 -12.65 -21.65 15.58
CA ALA A 33 -13.24 -22.62 14.64
C ALA A 33 -13.35 -21.96 13.27
N ALA A 34 -13.58 -22.80 12.27
CA ALA A 34 -13.56 -22.37 10.89
C ALA A 34 -14.86 -22.79 10.20
N LEU A 35 -15.75 -21.82 10.01
CA LEU A 35 -17.01 -22.06 9.32
C LEU A 35 -16.99 -21.46 7.92
N THR A 36 -17.22 -22.31 6.91
CA THR A 36 -17.50 -21.88 5.57
C THR A 36 -18.94 -22.19 5.26
N VAL A 37 -19.67 -21.20 4.80
CA VAL A 37 -20.98 -21.43 4.20
C VAL A 37 -20.85 -21.31 2.69
N VAL A 38 -21.37 -22.30 1.99
CA VAL A 38 -21.39 -22.27 0.55
C VAL A 38 -22.84 -22.25 0.11
N ALA A 39 -23.25 -21.17 -0.52
CA ALA A 39 -24.64 -20.94 -0.76
C ALA A 39 -24.93 -20.23 -2.09
N ASP A 40 -26.05 -20.60 -2.72
CA ASP A 40 -26.58 -19.92 -3.90
C ASP A 40 -27.37 -18.69 -3.50
N LEU A 41 -26.71 -17.55 -3.53
CA LEU A 41 -27.28 -16.30 -3.06
C LEU A 41 -28.15 -15.61 -4.08
N ASP A 42 -28.40 -16.24 -5.23
CA ASP A 42 -29.53 -15.86 -6.08
C ASP A 42 -30.83 -16.31 -5.50
N ASP A 43 -30.82 -17.33 -4.63
CA ASP A 43 -32.07 -17.82 -4.02
C ASP A 43 -32.20 -17.45 -2.57
N ILE A 44 -33.46 -17.35 -2.14
CA ILE A 44 -33.75 -17.04 -0.75
C ILE A 44 -33.17 -18.12 0.16
N GLU A 45 -33.30 -19.39 -0.24
CA GLU A 45 -32.87 -20.44 0.64
C GLU A 45 -31.34 -20.37 0.92
N GLY A 46 -30.55 -20.04 -0.09
CA GLY A 46 -29.15 -19.71 0.14
C GLY A 46 -28.90 -18.47 0.99
N GLN A 47 -29.64 -17.40 0.74
CA GLN A 47 -29.46 -16.17 1.49
C GLN A 47 -29.77 -16.40 2.97
N GLU A 48 -30.85 -17.14 3.21
CA GLU A 48 -31.35 -17.39 4.54
C GLU A 48 -30.28 -18.10 5.35
N LEU A 49 -29.71 -19.15 4.77
CA LEU A 49 -28.58 -19.86 5.37
C LEU A 49 -27.40 -18.96 5.75
N VAL A 50 -27.03 -18.06 4.85
CA VAL A 50 -25.95 -17.15 5.14
C VAL A 50 -26.36 -16.20 6.24
N TYR A 51 -27.60 -15.74 6.19
CA TYR A 51 -28.11 -14.86 7.25
C TYR A 51 -27.95 -15.51 8.63
N TYR A 52 -28.49 -16.71 8.79
CA TYR A 52 -28.25 -17.49 9.98
C TYR A 52 -26.78 -17.62 10.37
N ALA A 53 -25.93 -17.92 9.41
CA ALA A 53 -24.50 -18.00 9.68
C ALA A 53 -23.99 -16.69 10.23
N LEU A 54 -24.52 -15.59 9.71
CA LEU A 54 -24.09 -14.27 10.19
C LEU A 54 -24.51 -14.08 11.62
N ARG A 55 -25.76 -14.37 11.88
CA ARG A 55 -26.32 -14.28 13.23
C ARG A 55 -25.56 -15.14 14.24
N PHE A 56 -25.30 -16.37 13.84
CA PHE A 56 -24.36 -17.22 14.58
C PHE A 56 -23.02 -16.54 14.83
N ARG A 57 -22.38 -16.03 13.79
CA ARG A 57 -21.05 -15.45 14.01
C ARG A 57 -21.14 -14.29 14.99
N LYS A 58 -22.28 -13.60 14.95
CA LYS A 58 -22.49 -12.42 15.79
C LYS A 58 -22.41 -12.79 17.27
N SER A 59 -22.86 -13.99 17.58
CA SER A 59 -22.92 -14.47 18.96
C SER A 59 -21.69 -15.27 19.40
N ASN A 60 -20.80 -15.59 18.47
CA ASN A 60 -19.76 -16.59 18.71
C ASN A 60 -18.48 -16.15 18.06
N ASP A 61 -17.74 -15.29 18.76
CA ASP A 61 -16.73 -14.49 18.11
C ASP A 61 -15.40 -15.23 18.00
N GLY A 62 -15.38 -16.50 18.41
CA GLY A 62 -14.27 -17.41 18.06
C GLY A 62 -14.25 -17.95 16.63
N VAL A 63 -15.38 -17.81 15.94
CA VAL A 63 -15.57 -18.38 14.61
C VAL A 63 -15.00 -17.48 13.49
N ARG A 64 -14.30 -18.09 12.54
CA ARG A 64 -13.96 -17.43 11.28
C ARG A 64 -14.94 -17.87 10.22
N LEU A 65 -15.79 -16.94 9.82
CA LEU A 65 -16.81 -17.21 8.83
C LEU A 65 -16.33 -16.69 7.49
N ASP A 66 -16.38 -17.53 6.47
CA ASP A 66 -16.32 -17.06 5.09
C ASP A 66 -17.46 -17.64 4.26
N ILE A 67 -17.79 -16.96 3.18
CA ILE A 67 -19.04 -17.25 2.44
C ILE A 67 -18.75 -17.42 0.95
N VAL A 68 -19.15 -18.55 0.39
CA VAL A 68 -18.89 -18.84 -1.01
C VAL A 68 -20.19 -18.81 -1.76
N HIS A 69 -20.29 -17.89 -2.70
CA HIS A 69 -21.45 -17.82 -3.54
C HIS A 69 -21.34 -18.93 -4.57
N ASN A 70 -22.38 -19.77 -4.65
CA ASN A 70 -22.38 -20.95 -5.50
C ASN A 70 -23.69 -21.12 -6.28
N PRO A 71 -23.89 -20.28 -7.31
CA PRO A 71 -25.18 -20.21 -7.95
C PRO A 71 -25.39 -21.39 -8.86
N LYS A 72 -26.63 -21.85 -8.96
CA LYS A 72 -27.00 -22.88 -9.92
C LYS A 72 -26.95 -22.34 -11.34
N ASP A 73 -27.38 -21.11 -11.52
CA ASP A 73 -27.33 -20.51 -12.84
C ASP A 73 -26.08 -19.63 -12.97
N THR A 74 -25.33 -19.88 -14.05
CA THR A 74 -24.00 -19.26 -14.25
C THR A 74 -23.96 -18.28 -15.42
N SER A 75 -25.12 -17.96 -15.97
CA SER A 75 -25.18 -16.95 -17.00
C SER A 75 -24.63 -15.59 -16.54
N ARG A 76 -24.86 -15.20 -15.29
CA ARG A 76 -24.10 -14.11 -14.65
C ARG A 76 -22.83 -14.70 -14.04
N SER A 77 -21.75 -13.93 -14.02
CA SER A 77 -20.55 -14.37 -13.32
C SER A 77 -20.82 -14.55 -11.82
N PRO A 78 -20.53 -15.73 -11.28
CA PRO A 78 -20.59 -15.89 -9.83
C PRO A 78 -19.84 -14.77 -9.14
N SER A 79 -18.76 -14.31 -9.75
CA SER A 79 -17.90 -13.36 -9.09
C SER A 79 -18.57 -12.02 -8.82
N VAL A 80 -19.70 -11.76 -9.46
CA VAL A 80 -20.34 -10.48 -9.23
C VAL A 80 -20.88 -10.39 -7.81
N LEU A 81 -21.82 -11.27 -7.48
CA LEU A 81 -22.30 -11.31 -6.11
C LEU A 81 -21.20 -11.50 -5.07
N ALA A 82 -20.20 -12.31 -5.36
CA ALA A 82 -19.12 -12.52 -4.39
C ALA A 82 -18.35 -11.23 -4.07
N GLN A 83 -18.21 -10.38 -5.09
CA GLN A 83 -17.52 -9.12 -4.96
C GLN A 83 -18.38 -8.12 -4.24
N ARG A 84 -19.68 -8.14 -4.54
CA ARG A 84 -20.65 -7.29 -3.86
C ARG A 84 -20.53 -7.52 -2.37
N LEU A 85 -20.45 -8.79 -1.99
CA LEU A 85 -20.40 -9.15 -0.58
C LEU A 85 -19.03 -8.89 0.04
N LYS A 86 -17.99 -9.18 -0.72
CA LYS A 86 -16.63 -8.88 -0.34
C LYS A 86 -16.40 -7.38 -0.12
N SER A 87 -16.97 -6.53 -0.97
CA SER A 87 -16.85 -5.08 -0.80
C SER A 87 -17.41 -4.72 0.57
N ARG A 88 -18.54 -5.31 0.94
CA ARG A 88 -19.26 -4.95 2.16
C ARG A 88 -18.89 -5.87 3.32
N GLU A 89 -17.66 -6.34 3.33
CA GLU A 89 -17.24 -7.42 4.20
C GLU A 89 -17.15 -6.98 5.66
N ASP A 90 -16.68 -5.76 5.90
CA ASP A 90 -16.65 -5.25 7.25
C ASP A 90 -18.07 -5.05 7.80
N LYS A 91 -19.02 -4.70 6.93
CA LYS A 91 -20.35 -4.31 7.36
C LYS A 91 -21.22 -5.48 7.82
N LEU A 92 -20.73 -6.71 7.69
CA LEU A 92 -21.62 -7.86 7.64
C LEU A 92 -22.20 -8.16 9.01
N LEU A 93 -21.46 -7.83 10.05
CA LEU A 93 -21.96 -8.01 11.41
C LEU A 93 -22.81 -6.85 11.88
N ASP A 94 -22.74 -5.72 11.19
CA ASP A 94 -23.68 -4.64 11.44
C ASP A 94 -25.08 -4.91 10.89
N PHE A 95 -25.24 -5.92 10.05
CA PHE A 95 -26.58 -6.30 9.58
C PHE A 95 -27.46 -6.55 10.77
N THR A 96 -28.73 -6.20 10.64
CA THR A 96 -29.70 -6.38 11.71
C THR A 96 -30.98 -7.01 11.25
N ARG A 97 -31.07 -7.30 9.96
CA ARG A 97 -32.33 -7.39 9.29
C ARG A 97 -32.03 -8.19 8.03
N PHE A 98 -32.88 -9.15 7.71
CA PHE A 98 -32.62 -9.93 6.50
C PHE A 98 -32.44 -9.01 5.31
N LEU A 99 -33.17 -7.91 5.31
CA LEU A 99 -33.09 -6.97 4.21
C LEU A 99 -31.72 -6.37 4.00
N ASP A 100 -30.95 -6.20 5.06
CA ASP A 100 -29.61 -5.63 4.90
C ASP A 100 -28.78 -6.50 3.95
N LEU A 101 -29.03 -7.81 3.98
CA LEU A 101 -28.26 -8.76 3.18
C LEU A 101 -28.71 -8.69 1.73
N GLU A 102 -30.02 -8.83 1.52
CA GLU A 102 -30.64 -8.63 0.22
C GLU A 102 -30.09 -7.40 -0.46
N THR A 103 -30.08 -6.29 0.26
CA THR A 103 -29.55 -5.02 -0.23
C THR A 103 -28.12 -5.18 -0.68
N ALA A 104 -27.32 -5.81 0.16
CA ALA A 104 -25.89 -5.95 -0.09
C ALA A 104 -25.60 -6.80 -1.31
N LEU A 105 -26.50 -7.72 -1.64
CA LEU A 105 -26.37 -8.60 -2.81
C LEU A 105 -27.00 -8.02 -4.04
N GLU A 106 -27.71 -6.91 -3.87
CA GLU A 106 -28.57 -6.36 -4.89
C GLU A 106 -27.81 -5.37 -5.75
N THR A 107 -26.75 -4.78 -5.21
CA THR A 107 -26.18 -3.57 -5.82
C THR A 107 -24.68 -3.44 -5.69
N GLY A 108 -24.05 -2.82 -6.69
CA GLY A 108 -22.60 -2.81 -6.85
C GLY A 108 -22.31 -3.29 -8.25
N GLU A 109 -21.77 -2.42 -9.09
CA GLU A 109 -21.18 -2.83 -10.37
C GLU A 109 -19.79 -3.40 -10.12
N PHE A 110 -19.56 -4.62 -10.58
CA PHE A 110 -18.22 -5.17 -10.63
C PHE A 110 -17.94 -5.85 -11.96
N GLU A 111 -16.71 -5.72 -12.43
CA GLU A 111 -16.22 -6.53 -13.56
C GLU A 111 -16.07 -7.99 -13.15
N PRO A 112 -16.62 -8.91 -13.95
CA PRO A 112 -16.44 -10.31 -13.69
C PRO A 112 -14.98 -10.60 -13.39
N ASP A 113 -14.74 -11.41 -12.36
CA ASP A 113 -13.45 -12.02 -12.12
C ASP A 113 -13.45 -13.46 -12.61
N VAL A 114 -12.83 -13.68 -13.76
CA VAL A 114 -12.84 -15.01 -14.37
C VAL A 114 -12.12 -15.99 -13.49
N ALA A 115 -11.03 -15.52 -12.87
CA ALA A 115 -10.16 -16.42 -12.11
C ALA A 115 -10.88 -16.94 -10.90
N TYR A 116 -11.63 -16.06 -10.27
CA TYR A 116 -12.62 -16.49 -9.29
C TYR A 116 -13.57 -17.56 -9.79
N ASP A 117 -14.22 -17.32 -10.93
CA ASP A 117 -15.22 -18.25 -11.47
C ASP A 117 -14.63 -19.61 -11.76
N ALA A 118 -13.41 -19.61 -12.28
CA ALA A 118 -12.65 -20.85 -12.44
C ALA A 118 -12.42 -21.55 -11.10
N SER A 119 -11.81 -20.82 -10.17
CA SER A 119 -11.56 -21.33 -8.81
C SER A 119 -12.77 -22.02 -8.23
N LEU A 120 -13.92 -21.38 -8.36
CA LEU A 120 -15.17 -21.94 -7.90
C LEU A 120 -15.46 -23.28 -8.58
N ALA A 121 -15.20 -23.34 -9.87
CA ALA A 121 -15.57 -24.51 -10.67
C ALA A 121 -14.70 -25.72 -10.33
N ASN A 122 -13.44 -25.47 -10.01
CA ASN A 122 -12.57 -26.45 -9.38
C ASN A 122 -13.13 -26.91 -8.06
N PHE A 123 -13.25 -25.95 -7.15
CA PHE A 123 -13.62 -26.24 -5.80
C PHE A 123 -14.80 -27.17 -5.80
N LEU A 124 -15.76 -26.91 -6.68
CA LEU A 124 -16.97 -27.72 -6.72
C LEU A 124 -16.69 -29.13 -7.19
N ALA A 125 -15.89 -29.26 -8.24
CA ALA A 125 -15.61 -30.57 -8.85
C ALA A 125 -14.75 -31.42 -7.92
N SER A 126 -13.69 -30.82 -7.40
CA SER A 126 -12.81 -31.51 -6.49
C SER A 126 -13.48 -31.81 -5.15
N SER A 127 -14.51 -31.06 -4.77
CA SER A 127 -15.27 -31.36 -3.56
C SER A 127 -16.60 -32.05 -3.86
N ASN A 128 -16.73 -32.62 -5.05
CA ASN A 128 -17.93 -33.42 -5.40
C ASN A 128 -19.25 -32.81 -4.96
N MSE A 129 -19.36 -31.49 -5.06
CA MSE A 129 -20.61 -30.77 -4.84
C MSE A 129 -20.92 -30.08 -6.14
O MSE A 129 -20.02 -29.81 -6.94
CB MSE A 129 -20.56 -29.75 -3.67
CG MSE A 129 -20.49 -30.36 -2.25
SE MSE A 129 -22.24 -30.74 -1.39
CE MSE A 129 -21.78 -32.52 -0.70
N LYS A 130 -22.19 -29.75 -6.33
CA LYS A 130 -22.70 -29.23 -7.59
C LYS A 130 -22.91 -27.72 -7.47
N ALA A 131 -22.89 -27.02 -8.60
CA ALA A 131 -23.33 -25.64 -8.64
C ALA A 131 -24.75 -25.56 -8.18
N GLY A 132 -25.03 -24.62 -7.31
CA GLY A 132 -26.38 -24.45 -6.75
C GLY A 132 -26.53 -25.02 -5.36
N ASP A 133 -25.65 -25.96 -4.99
CA ASP A 133 -25.76 -26.64 -3.71
C ASP A 133 -25.46 -25.71 -2.56
N ASN A 134 -26.26 -25.86 -1.51
CA ASN A 134 -25.98 -25.22 -0.24
C ASN A 134 -25.35 -26.16 0.79
N PHE A 135 -24.16 -25.84 1.26
CA PHE A 135 -23.55 -26.65 2.29
C PHE A 135 -22.63 -25.84 3.16
N VAL A 136 -22.36 -26.34 4.36
CA VAL A 136 -21.34 -25.74 5.21
C VAL A 136 -20.18 -26.68 5.42
N ILE A 137 -19.00 -26.09 5.60
CA ILE A 137 -17.83 -26.83 6.00
C ILE A 137 -17.42 -26.30 7.34
N LEU A 138 -17.34 -27.18 8.31
CA LEU A 138 -16.96 -26.80 9.66
C LEU A 138 -15.70 -27.54 10.06
N ASN A 139 -14.61 -26.78 10.24
CA ASN A 139 -13.28 -27.34 10.44
C ASN A 139 -13.06 -28.58 9.57
N GLY A 140 -13.28 -28.45 8.27
CA GLY A 140 -13.02 -29.54 7.36
C GLY A 140 -14.19 -30.46 7.12
N ARG A 141 -15.24 -30.37 7.93
CA ARG A 141 -16.35 -31.30 7.77
C ARG A 141 -17.44 -30.74 6.89
N VAL A 142 -17.61 -31.33 5.72
CA VAL A 142 -18.66 -30.91 4.80
C VAL A 142 -20.05 -31.40 5.25
N LEU A 143 -21.00 -30.50 5.46
CA LEU A 143 -22.38 -30.85 5.87
C LEU A 143 -23.41 -30.35 4.89
N GLY A 144 -24.08 -31.28 4.19
CA GLY A 144 -24.98 -30.92 3.09
C GLY A 144 -24.98 -31.94 1.94
N PRO A 145 -25.80 -31.72 0.90
CA PRO A 145 -26.47 -30.45 0.67
C PRO A 145 -27.60 -30.22 1.63
N ILE A 146 -27.89 -28.95 1.87
CA ILE A 146 -29.08 -28.52 2.58
C ILE A 146 -30.23 -28.11 1.67
N THR A 147 -31.26 -28.98 1.62
CA THR A 147 -32.32 -28.95 0.60
C THR A 147 -33.55 -28.17 1.08
N ASP A 151 -33.94 -28.68 7.38
CA ASP A 151 -33.60 -27.28 7.69
C ASP A 151 -32.33 -27.09 8.53
N PHE A 152 -31.94 -25.82 8.73
CA PHE A 152 -30.63 -25.46 9.28
C PHE A 152 -30.64 -23.96 9.64
N LYS A 153 -30.76 -23.66 10.92
CA LYS A 153 -30.75 -22.29 11.42
C LYS A 153 -29.67 -22.21 12.46
N LYS A 154 -29.62 -21.10 13.21
CA LYS A 154 -28.41 -20.79 13.95
C LYS A 154 -28.24 -21.67 15.18
N GLU A 155 -29.33 -22.31 15.62
CA GLU A 155 -29.26 -23.47 16.52
C GLU A 155 -28.28 -24.49 16.00
N ASP A 156 -28.50 -24.91 14.76
CA ASP A 156 -27.80 -26.05 14.20
C ASP A 156 -26.31 -25.72 13.98
N PHE A 157 -26.00 -24.48 13.63
CA PHE A 157 -24.63 -24.03 13.75
C PHE A 157 -24.09 -24.21 15.16
N GLU A 158 -24.85 -23.74 16.13
CA GLU A 158 -24.41 -23.79 17.53
C GLU A 158 -24.05 -25.21 17.94
N VAL A 159 -24.97 -26.13 17.69
CA VAL A 159 -24.76 -27.52 18.08
C VAL A 159 -23.54 -28.16 17.41
N PHE A 160 -23.35 -27.91 16.12
CA PHE A 160 -22.22 -28.51 15.41
C PHE A 160 -20.89 -27.99 15.93
N LEU A 161 -20.90 -26.79 16.51
CA LEU A 161 -19.77 -26.28 17.22
C LEU A 161 -19.44 -27.07 18.49
N GLN A 162 -20.46 -27.62 19.13
CA GLN A 162 -20.27 -28.63 20.17
C GLN A 162 -20.21 -30.03 19.56
N VAL B 4 -4.66 -26.65 13.57
CA VAL B 4 -3.60 -27.27 12.67
C VAL B 4 -3.69 -26.82 11.20
N ASN B 5 -4.92 -26.63 10.74
CA ASN B 5 -5.19 -25.97 9.48
C ASN B 5 -4.89 -24.47 9.54
N LYS B 6 -4.87 -23.87 10.73
CA LYS B 6 -5.20 -22.45 10.87
C LYS B 6 -4.30 -21.57 10.01
N ILE B 7 -3.03 -21.95 9.91
CA ILE B 7 -2.07 -21.29 9.03
C ILE B 7 -2.51 -21.30 7.57
N TYR B 8 -3.08 -22.41 7.12
CA TYR B 8 -3.47 -22.56 5.73
C TYR B 8 -4.72 -21.73 5.49
N ILE B 9 -5.56 -21.59 6.52
CA ILE B 9 -6.85 -20.93 6.38
C ILE B 9 -6.68 -19.41 6.46
N GLU B 10 -5.90 -18.96 7.45
CA GLU B 10 -5.70 -17.55 7.67
C GLU B 10 -4.90 -16.84 6.58
N ASN B 11 -4.43 -17.54 5.56
CA ASN B 11 -3.51 -16.92 4.62
C ASN B 11 -3.82 -17.13 3.14
N HIS B 12 -5.05 -17.52 2.82
CA HIS B 12 -5.37 -17.92 1.46
C HIS B 12 -4.88 -16.90 0.39
N ASP B 13 -4.77 -15.62 0.73
CA ASP B 13 -4.42 -14.60 -0.28
C ASP B 13 -3.01 -14.80 -0.75
N LEU B 14 -2.09 -14.75 0.18
CA LEU B 14 -0.71 -15.11 -0.06
C LEU B 14 -0.52 -16.45 -0.77
N MSE B 15 -1.04 -17.51 -0.19
CA MSE B 15 -0.80 -18.86 -0.70
C MSE B 15 -1.40 -19.04 -2.08
O MSE B 15 -0.97 -19.92 -2.81
CB MSE B 15 -1.26 -19.93 0.31
CG MSE B 15 -0.20 -19.87 1.42
SE MSE B 15 -0.78 -20.83 3.01
CE MSE B 15 0.66 -20.37 4.28
N SER B 16 -2.37 -18.19 -2.45
CA SER B 16 -2.91 -18.20 -3.80
C SER B 16 -2.00 -17.51 -4.85
N LYS B 17 -0.98 -16.78 -4.39
CA LYS B 17 -0.10 -16.05 -5.28
C LYS B 17 1.28 -16.65 -5.48
N VAL B 18 1.64 -17.60 -4.65
CA VAL B 18 2.98 -18.16 -4.67
C VAL B 18 3.08 -19.26 -5.71
N PRO B 19 4.32 -19.65 -6.09
CA PRO B 19 4.58 -20.79 -6.95
C PRO B 19 4.15 -22.06 -6.32
N VAL B 20 3.49 -22.92 -7.07
CA VAL B 20 3.04 -24.23 -6.60
C VAL B 20 3.37 -25.33 -7.60
N ILE B 21 4.08 -26.34 -7.11
CA ILE B 21 4.14 -27.63 -7.76
C ILE B 21 3.14 -28.58 -7.14
N GLU B 22 2.07 -28.88 -7.89
CA GLU B 22 1.00 -29.73 -7.39
C GLU B 22 1.59 -31.12 -7.25
N ALA B 23 1.16 -31.89 -6.25
CA ALA B 23 1.40 -33.33 -6.23
C ALA B 23 0.86 -33.94 -7.53
N SER B 24 1.52 -35.00 -7.98
CA SER B 24 1.10 -35.68 -9.21
C SER B 24 -0.30 -36.25 -9.07
N LYS B 25 -1.06 -36.25 -10.16
CA LYS B 25 -2.38 -36.89 -10.19
C LYS B 25 -2.23 -38.39 -9.94
N GLU B 26 -1.11 -38.94 -10.38
CA GLU B 26 -0.86 -40.38 -10.37
C GLU B 26 -0.15 -40.89 -9.10
N SER B 27 0.21 -40.00 -8.18
CA SER B 27 0.51 -40.39 -6.80
C SER B 27 -0.75 -40.77 -6.01
N THR B 28 -0.56 -41.43 -4.87
CA THR B 28 -1.68 -41.86 -4.01
C THR B 28 -1.98 -40.83 -2.90
N ARG B 29 -3.11 -41.01 -2.23
CA ARG B 29 -3.46 -40.23 -1.06
C ARG B 29 -2.55 -40.53 0.15
N ASP B 30 -2.07 -41.76 0.28
CA ASP B 30 -1.13 -42.06 1.37
C ASP B 30 0.25 -41.41 1.17
N ASP B 31 0.60 -41.11 -0.08
CA ASP B 31 1.84 -40.40 -0.38
C ASP B 31 1.70 -38.88 -0.13
N TRP B 32 0.47 -38.38 -0.08
CA TRP B 32 0.20 -36.94 -0.26
C TRP B 32 0.59 -36.14 0.96
N ALA B 33 1.24 -35.01 0.73
CA ALA B 33 1.73 -34.14 1.78
C ALA B 33 1.80 -32.72 1.26
N ALA B 34 1.95 -31.79 2.20
CA ALA B 34 1.94 -30.38 1.89
C ALA B 34 3.19 -29.70 2.42
N LEU B 35 4.12 -29.40 1.52
CA LEU B 35 5.36 -28.72 1.91
C LEU B 35 5.35 -27.27 1.45
N THR B 36 5.53 -26.36 2.40
CA THR B 36 5.80 -24.97 2.10
C THR B 36 7.22 -24.63 2.51
N VAL B 37 7.99 -24.08 1.58
CA VAL B 37 9.27 -23.49 1.91
C VAL B 37 9.16 -22.00 1.93
N VAL B 38 9.63 -21.38 3.00
CA VAL B 38 9.59 -19.95 3.12
C VAL B 38 11.01 -19.50 3.20
N ALA B 39 11.45 -18.74 2.20
CA ALA B 39 12.88 -18.46 2.08
C ALA B 39 13.20 -17.10 1.50
N ASP B 40 14.28 -16.50 1.98
CA ASP B 40 14.79 -15.23 1.47
C ASP B 40 15.62 -15.48 0.24
N LEU B 41 14.99 -15.35 -0.92
CA LEU B 41 15.62 -15.67 -2.19
C LEU B 41 16.50 -14.56 -2.74
N ASP B 42 16.69 -13.50 -1.98
CA ASP B 42 17.80 -12.59 -2.25
C ASP B 42 19.11 -13.18 -1.80
N ASP B 43 19.08 -14.13 -0.86
CA ASP B 43 20.33 -14.75 -0.38
C ASP B 43 20.51 -16.14 -0.89
N ILE B 44 21.78 -16.54 -0.98
CA ILE B 44 22.13 -17.90 -1.37
C ILE B 44 21.52 -18.93 -0.39
N GLU B 45 21.58 -18.66 0.91
CA GLU B 45 21.10 -19.65 1.86
C GLU B 45 19.63 -19.95 1.63
N GLY B 46 18.83 -18.94 1.39
CA GLY B 46 17.45 -19.15 1.00
C GLY B 46 17.30 -19.90 -0.32
N GLN B 47 18.07 -19.52 -1.32
CA GLN B 47 17.94 -20.13 -2.64
C GLN B 47 18.27 -21.62 -2.53
N GLU B 48 19.33 -21.91 -1.75
CA GLU B 48 19.85 -23.27 -1.60
C GLU B 48 18.76 -24.17 -1.03
N LEU B 49 18.13 -23.71 0.03
CA LEU B 49 16.98 -24.40 0.63
C LEU B 49 15.88 -24.71 -0.37
N VAL B 50 15.54 -23.73 -1.20
CA VAL B 50 14.49 -23.93 -2.17
C VAL B 50 14.96 -24.93 -3.17
N TYR B 51 16.22 -24.81 -3.55
CA TYR B 51 16.79 -25.75 -4.50
C TYR B 51 16.63 -27.17 -3.99
N TYR B 52 17.10 -27.43 -2.78
CA TYR B 52 16.87 -28.73 -2.12
C TYR B 52 15.40 -29.16 -2.09
N ALA B 53 14.51 -28.24 -1.74
CA ALA B 53 13.10 -28.53 -1.78
C ALA B 53 12.67 -28.97 -3.17
N LEU B 54 13.21 -28.33 -4.19
CA LEU B 54 12.85 -28.68 -5.54
C LEU B 54 13.33 -30.10 -5.81
N ARG B 55 14.59 -30.35 -5.48
CA ARG B 55 15.18 -31.68 -5.67
C ARG B 55 14.38 -32.75 -4.96
N PHE B 56 14.03 -32.48 -3.70
CA PHE B 56 13.11 -33.33 -2.98
C PHE B 56 11.80 -33.53 -3.75
N ARG B 57 11.16 -32.48 -4.22
CA ARG B 57 9.88 -32.66 -4.88
C ARG B 57 10.06 -33.53 -6.12
N LYS B 58 11.23 -33.38 -6.75
CA LYS B 58 11.54 -34.10 -8.00
C LYS B 58 11.48 -35.60 -7.76
N SER B 59 11.86 -36.03 -6.55
CA SER B 59 11.92 -37.44 -6.18
C SER B 59 10.67 -37.98 -5.49
N ASN B 60 9.74 -37.10 -5.14
CA ASN B 60 8.67 -37.48 -4.24
C ASN B 60 7.43 -36.79 -4.73
N ASP B 61 6.76 -37.43 -5.67
CA ASP B 61 5.74 -36.74 -6.46
C ASP B 61 4.36 -36.75 -5.76
N GLY B 62 4.29 -37.28 -4.54
CA GLY B 62 3.14 -37.04 -3.65
C GLY B 62 3.06 -35.68 -2.98
N VAL B 63 4.17 -34.95 -3.01
CA VAL B 63 4.29 -33.68 -2.32
C VAL B 63 3.73 -32.48 -3.14
N ARG B 64 2.96 -31.62 -2.48
CA ARG B 64 2.63 -30.31 -3.03
C ARG B 64 3.58 -29.29 -2.44
N LEU B 65 4.47 -28.80 -3.28
CA LEU B 65 5.44 -27.80 -2.88
C LEU B 65 4.95 -26.42 -3.29
N ASP B 66 4.94 -25.48 -2.33
CA ASP B 66 4.84 -24.07 -2.68
C ASP B 66 5.93 -23.26 -1.99
N ILE B 67 6.26 -22.11 -2.55
CA ILE B 67 7.48 -21.40 -2.14
C ILE B 67 7.14 -19.94 -1.85
N VAL B 68 7.50 -19.47 -0.65
CA VAL B 68 7.17 -18.11 -0.23
C VAL B 68 8.45 -17.33 -0.13
N HIS B 69 8.56 -16.31 -0.94
CA HIS B 69 9.71 -15.45 -0.88
C HIS B 69 9.54 -14.52 0.31
N ASN B 70 10.56 -14.47 1.17
CA ASN B 70 10.49 -13.76 2.44
C ASN B 70 11.78 -13.02 2.72
N PRO B 71 12.01 -11.97 1.95
CA PRO B 71 13.27 -11.24 2.03
C PRO B 71 13.40 -10.44 3.31
N LYS B 72 14.63 -10.37 3.83
CA LYS B 72 14.93 -9.50 4.96
C LYS B 72 14.90 -8.04 4.53
N ASP B 73 15.37 -7.76 3.32
CA ASP B 73 15.35 -6.40 2.81
C ASP B 73 14.16 -6.18 1.89
N THR B 74 13.38 -5.14 2.20
CA THR B 74 12.06 -4.93 1.59
C THR B 74 12.04 -3.69 0.68
N SER B 75 13.21 -3.12 0.43
CA SER B 75 13.30 -1.98 -0.45
C SER B 75 12.77 -2.28 -1.85
N ARG B 76 12.98 -3.49 -2.34
CA ARG B 76 12.22 -4.02 -3.49
C ARG B 76 10.98 -4.75 -2.99
N SER B 77 9.91 -4.72 -3.76
CA SER B 77 8.71 -5.43 -3.40
C SER B 77 9.02 -6.91 -3.36
N PRO B 78 8.71 -7.57 -2.23
CA PRO B 78 8.75 -9.03 -2.23
C PRO B 78 8.05 -9.66 -3.42
N SER B 79 6.96 -9.04 -3.85
CA SER B 79 6.15 -9.60 -4.92
C SER B 79 6.90 -9.73 -6.23
N VAL B 80 8.01 -9.03 -6.40
CA VAL B 80 8.69 -9.11 -7.67
C VAL B 80 9.27 -10.52 -7.85
N LEU B 81 10.20 -10.90 -6.98
CA LEU B 81 10.75 -12.25 -7.07
C LEU B 81 9.67 -13.33 -7.03
N ALA B 82 8.63 -13.14 -6.23
CA ALA B 82 7.56 -14.16 -6.16
C ALA B 82 6.84 -14.36 -7.50
N GLN B 83 6.69 -13.27 -8.24
CA GLN B 83 6.06 -13.30 -9.55
C GLN B 83 7.00 -13.91 -10.59
N ARG B 84 8.29 -13.56 -10.47
CA ARG B 84 9.30 -14.12 -11.34
C ARG B 84 9.24 -15.63 -11.27
N LEU B 85 9.13 -16.14 -10.06
CA LEU B 85 9.12 -17.56 -9.85
C LEU B 85 7.79 -18.17 -10.26
N LYS B 86 6.71 -17.47 -9.94
CA LYS B 86 5.38 -17.88 -10.32
C LYS B 86 5.23 -17.99 -11.83
N SER B 87 5.80 -17.02 -12.57
CA SER B 87 5.72 -17.03 -14.03
C SER B 87 6.33 -18.33 -14.49
N ARG B 88 7.46 -18.74 -13.88
CA ARG B 88 8.23 -19.91 -14.32
C ARG B 88 7.86 -21.18 -13.54
N GLU B 89 6.61 -21.26 -13.13
CA GLU B 89 6.17 -22.23 -12.13
C GLU B 89 6.15 -23.64 -12.71
N ASP B 90 5.75 -23.77 -13.97
CA ASP B 90 5.81 -25.08 -14.61
C ASP B 90 7.24 -25.55 -14.80
N LYS B 91 8.17 -24.61 -15.02
CA LYS B 91 9.56 -24.94 -15.39
C LYS B 91 10.40 -25.46 -14.22
N LEU B 92 9.84 -25.48 -13.01
CA LEU B 92 10.66 -25.54 -11.82
C LEU B 92 11.30 -26.92 -11.62
N LEU B 93 10.60 -27.95 -12.08
CA LEU B 93 11.15 -29.29 -12.00
C LEU B 93 12.11 -29.59 -13.17
N ASP B 94 12.06 -28.79 -14.22
CA ASP B 94 13.02 -28.93 -15.30
C ASP B 94 14.39 -28.36 -14.94
N PHE B 95 14.50 -27.62 -13.85
CA PHE B 95 15.80 -27.13 -13.42
C PHE B 95 16.72 -28.30 -13.27
N THR B 96 17.99 -28.07 -13.59
CA THR B 96 19.02 -29.10 -13.48
C THR B 96 20.29 -28.65 -12.77
N ARG B 97 20.28 -27.42 -12.30
CA ARG B 97 21.52 -26.72 -12.04
C ARG B 97 21.16 -25.57 -11.15
N PHE B 98 21.94 -25.32 -10.11
CA PHE B 98 21.58 -24.26 -9.18
C PHE B 98 21.44 -22.97 -9.92
N LEU B 99 22.23 -22.82 -10.96
CA LEU B 99 22.12 -21.63 -11.78
C LEU B 99 20.74 -21.41 -12.43
N ASP B 100 20.03 -22.47 -12.77
CA ASP B 100 18.72 -22.31 -13.40
C ASP B 100 17.81 -21.50 -12.50
N LEU B 101 17.99 -21.67 -11.19
CA LEU B 101 17.14 -21.03 -10.19
C LEU B 101 17.54 -19.57 -10.07
N GLU B 102 18.82 -19.32 -9.84
CA GLU B 102 19.39 -17.96 -9.91
C GLU B 102 18.88 -17.16 -11.09
N THR B 103 18.98 -17.74 -12.27
CA THR B 103 18.49 -17.17 -13.50
C THR B 103 17.01 -16.81 -13.40
N ALA B 104 16.21 -17.74 -12.91
CA ALA B 104 14.77 -17.57 -12.83
C ALA B 104 14.39 -16.43 -11.89
N LEU B 105 15.24 -16.17 -10.89
CA LEU B 105 15.00 -15.12 -9.91
C LEU B 105 15.60 -13.81 -10.35
N GLU B 106 16.37 -13.85 -11.43
CA GLU B 106 17.21 -12.73 -11.81
C GLU B 106 16.43 -11.81 -12.75
N THR B 107 15.42 -12.33 -13.44
CA THR B 107 14.90 -11.64 -14.62
C THR B 107 13.41 -11.80 -14.85
N GLY B 108 12.77 -10.78 -15.42
CA GLY B 108 11.31 -10.66 -15.47
C GLY B 108 10.94 -9.34 -14.86
N GLU B 109 10.40 -8.43 -15.67
CA GLU B 109 9.78 -7.22 -15.15
C GLU B 109 8.35 -7.54 -14.66
N PHE B 110 8.07 -7.22 -13.41
CA PHE B 110 6.71 -7.27 -12.89
C PHE B 110 6.37 -6.02 -12.09
N GLU B 111 5.14 -5.56 -12.23
CA GLU B 111 4.61 -4.53 -11.35
C GLU B 111 4.47 -5.10 -9.93
N PRO B 112 5.01 -4.40 -8.93
CA PRO B 112 4.70 -4.76 -7.58
C PRO B 112 3.23 -5.10 -7.37
N ASP B 113 2.99 -6.20 -6.66
CA ASP B 113 1.69 -6.52 -6.11
C ASP B 113 1.63 -6.19 -4.64
N VAL B 114 0.95 -5.09 -4.32
CA VAL B 114 0.90 -4.59 -2.95
C VAL B 114 0.18 -5.59 -2.08
N ALA B 115 -0.87 -6.19 -2.64
CA ALA B 115 -1.75 -7.03 -1.85
C ALA B 115 -1.01 -8.27 -1.43
N TYR B 116 -0.19 -8.78 -2.35
CA TYR B 116 0.79 -9.80 -2.00
C TYR B 116 1.71 -9.39 -0.85
N ASP B 117 2.33 -8.22 -0.95
CA ASP B 117 3.27 -7.73 0.07
C ASP B 117 2.61 -7.61 1.44
N ALA B 118 1.37 -7.14 1.45
CA ALA B 118 0.57 -7.11 2.65
C ALA B 118 0.35 -8.50 3.20
N SER B 119 -0.21 -9.38 2.36
CA SER B 119 -0.45 -10.78 2.73
C SER B 119 0.75 -11.39 3.40
N LEU B 120 1.92 -11.17 2.82
CA LEU B 120 3.17 -11.67 3.38
C LEU B 120 3.42 -11.10 4.78
N ALA B 121 3.12 -9.82 4.95
CA ALA B 121 3.41 -9.15 6.21
C ALA B 121 2.53 -9.63 7.35
N ASN B 122 1.28 -9.95 7.01
CA ASN B 122 0.37 -10.68 7.91
C ASN B 122 0.94 -12.01 8.26
N PHE B 123 1.11 -12.83 7.23
CA PHE B 123 1.52 -14.21 7.39
C PHE B 123 2.68 -14.29 8.35
N LEU B 124 3.62 -13.37 8.22
CA LEU B 124 4.78 -13.36 9.08
C LEU B 124 4.41 -13.04 10.51
N ALA B 125 3.58 -12.03 10.71
CA ALA B 125 3.24 -11.54 12.07
C ALA B 125 2.37 -12.56 12.80
N SER B 126 1.35 -13.04 12.11
CA SER B 126 0.47 -14.04 12.67
C SER B 126 1.16 -15.39 12.85
N SER B 127 2.22 -15.66 12.10
CA SER B 127 3.00 -16.88 12.33
C SER B 127 4.29 -16.62 13.08
N ASN B 128 4.38 -15.49 13.79
CA ASN B 128 5.53 -15.20 14.67
C ASN B 128 6.88 -15.55 14.06
N MSE B 129 7.03 -15.30 12.76
CA MSE B 129 8.32 -15.44 12.07
C MSE B 129 8.61 -14.08 11.51
O MSE B 129 7.72 -13.26 11.30
CB MSE B 129 8.34 -16.49 10.94
CG MSE B 129 8.26 -17.95 11.40
SE MSE B 129 9.99 -18.82 11.80
CE MSE B 129 9.44 -19.69 13.48
N LYS B 130 9.89 -13.83 11.24
CA LYS B 130 10.39 -12.51 10.87
C LYS B 130 10.68 -12.48 9.38
N ALA B 131 10.64 -11.29 8.78
CA ALA B 131 11.17 -11.09 7.44
C ALA B 131 12.61 -11.52 7.38
N GLY B 132 12.96 -12.30 6.35
CA GLY B 132 14.31 -12.80 6.22
C GLY B 132 14.46 -14.24 6.66
N ASP B 133 13.56 -14.72 7.52
CA ASP B 133 13.66 -16.06 8.10
C ASP B 133 13.42 -17.12 7.05
N ASN B 134 14.22 -18.18 7.13
CA ASN B 134 14.00 -19.39 6.35
C ASN B 134 13.35 -20.47 7.18
N PHE B 135 12.19 -20.93 6.78
CA PHE B 135 11.55 -22.04 7.45
C PHE B 135 10.68 -22.85 6.50
N VAL B 136 10.43 -24.08 6.86
CA VAL B 136 9.44 -24.89 6.14
C VAL B 136 8.24 -25.20 6.99
N ILE B 137 7.11 -25.36 6.34
CA ILE B 137 5.93 -25.87 6.97
C ILE B 137 5.57 -27.17 6.31
N LEU B 138 5.44 -28.20 7.12
CA LEU B 138 5.11 -29.51 6.60
C LEU B 138 3.82 -29.98 7.25
N ASN B 139 2.77 -30.10 6.42
CA ASN B 139 1.41 -30.40 6.88
C ASN B 139 1.07 -29.69 8.16
N GLY B 140 1.25 -28.38 8.17
CA GLY B 140 0.97 -27.57 9.35
C GLY B 140 2.11 -27.37 10.34
N ARG B 141 3.21 -28.14 10.22
CA ARG B 141 4.27 -28.04 11.21
C ARG B 141 5.29 -27.08 10.79
N VAL B 142 5.41 -25.98 11.50
CA VAL B 142 6.46 -25.02 11.22
C VAL B 142 7.81 -25.50 11.74
N LEU B 143 8.82 -25.58 10.84
CA LEU B 143 10.17 -25.97 11.23
C LEU B 143 11.17 -24.91 10.87
N GLY B 144 11.78 -24.30 11.89
CA GLY B 144 12.75 -23.21 11.69
C GLY B 144 12.68 -22.19 12.80
N PRO B 145 13.51 -21.14 12.73
CA PRO B 145 14.23 -20.79 11.53
C PRO B 145 15.37 -21.72 11.27
N ILE B 146 15.74 -21.81 10.00
CA ILE B 146 16.95 -22.45 9.60
C ILE B 146 18.10 -21.48 9.39
N THR B 147 19.09 -21.55 10.31
CA THR B 147 20.17 -20.58 10.42
C THR B 147 21.45 -20.98 9.64
N ASP B 151 21.86 -27.29 9.69
CA ASP B 151 21.69 -27.43 8.21
C ASP B 151 20.42 -28.21 7.82
N PHE B 152 20.14 -28.24 6.52
CA PHE B 152 18.85 -28.72 6.01
C PHE B 152 18.96 -28.93 4.51
N LYS B 153 19.10 -30.19 4.10
CA LYS B 153 19.16 -30.56 2.69
C LYS B 153 18.10 -31.62 2.47
N LYS B 154 18.13 -32.28 1.31
CA LYS B 154 16.95 -32.98 0.88
C LYS B 154 16.74 -34.25 1.65
N GLU B 155 17.80 -34.71 2.33
CA GLU B 155 17.70 -35.71 3.39
C GLU B 155 16.63 -35.29 4.37
N ASP B 156 16.79 -34.10 4.88
CA ASP B 156 16.05 -33.65 6.05
C ASP B 156 14.58 -33.41 5.69
N PHE B 157 14.33 -32.97 4.47
CA PHE B 157 12.98 -33.11 3.92
C PHE B 157 12.48 -34.55 3.95
N GLU B 158 13.28 -35.48 3.44
CA GLU B 158 12.88 -36.87 3.32
C GLU B 158 12.46 -37.41 4.69
N VAL B 159 13.30 -37.21 5.69
CA VAL B 159 13.03 -37.72 7.05
C VAL B 159 11.76 -37.15 7.67
N PHE B 160 11.55 -35.85 7.51
CA PHE B 160 10.37 -35.25 8.11
C PHE B 160 9.09 -35.73 7.45
N LEU B 161 9.19 -36.19 6.21
CA LEU B 161 8.11 -36.89 5.56
C LEU B 161 7.77 -38.25 6.22
N GLN B 162 8.77 -38.92 6.79
CA GLN B 162 8.54 -40.05 7.70
C GLN B 162 8.38 -39.55 9.15
N ASN C 11 -24.11 -13.77 -35.90
CA ASN C 11 -22.80 -13.14 -36.26
C ASN C 11 -22.10 -13.84 -37.40
N HIS C 12 -22.86 -14.58 -38.22
CA HIS C 12 -22.28 -15.49 -39.21
C HIS C 12 -21.19 -14.85 -40.09
N ASP C 13 -21.27 -13.55 -40.34
CA ASP C 13 -20.29 -12.89 -41.21
C ASP C 13 -18.90 -12.94 -40.61
N LEU C 14 -18.78 -12.37 -39.42
CA LEU C 14 -17.55 -12.43 -38.63
C LEU C 14 -17.06 -13.85 -38.51
N MSE C 15 -17.90 -14.73 -37.98
CA MSE C 15 -17.46 -16.08 -37.58
C MSE C 15 -17.07 -16.88 -38.79
O MSE C 15 -16.31 -17.81 -38.69
CB MSE C 15 -18.50 -16.76 -36.66
CG MSE C 15 -18.46 -16.12 -35.23
SE MSE C 15 -20.01 -16.55 -34.01
CE MSE C 15 -19.51 -15.42 -32.49
N SER C 16 -17.54 -16.46 -39.97
CA SER C 16 -17.06 -17.05 -41.22
C SER C 16 -15.66 -16.60 -41.68
N LYS C 17 -15.12 -15.56 -41.07
CA LYS C 17 -13.84 -14.98 -41.50
C LYS C 17 -12.70 -15.31 -40.58
N VAL C 18 -13.02 -15.79 -39.38
CA VAL C 18 -12.02 -15.97 -38.34
C VAL C 18 -11.35 -17.30 -38.54
N PRO C 19 -10.19 -17.47 -37.92
CA PRO C 19 -9.54 -18.77 -37.88
C PRO C 19 -10.38 -19.79 -37.13
N VAL C 20 -10.49 -21.00 -37.70
CA VAL C 20 -11.23 -22.10 -37.07
C VAL C 20 -10.44 -23.42 -37.13
N ILE C 21 -10.25 -24.01 -35.96
CA ILE C 21 -9.86 -25.38 -35.84
C ILE C 21 -11.12 -26.21 -35.56
N GLU C 22 -11.55 -26.98 -36.57
CA GLU C 22 -12.74 -27.82 -36.46
C GLU C 22 -12.43 -28.93 -35.47
N ALA C 23 -13.43 -29.36 -34.71
CA ALA C 23 -13.31 -30.60 -33.95
C ALA C 23 -13.01 -31.77 -34.89
N SER C 24 -12.44 -32.84 -34.32
CA SER C 24 -12.00 -34.02 -35.07
C SER C 24 -13.18 -34.77 -35.62
N TRP C 32 -17.82 -33.29 -27.89
CA TRP C 32 -17.90 -32.12 -28.76
C TRP C 32 -18.26 -30.87 -27.98
N ALA C 33 -17.59 -29.77 -28.28
CA ALA C 33 -17.82 -28.51 -27.62
C ALA C 33 -17.41 -27.36 -28.53
N ALA C 34 -17.82 -26.15 -28.16
CA ALA C 34 -17.60 -24.97 -28.95
C ALA C 34 -16.87 -23.91 -28.13
N LEU C 35 -15.59 -23.74 -28.41
CA LEU C 35 -14.81 -22.70 -27.75
C LEU C 35 -14.51 -21.55 -28.73
N THR C 36 -14.90 -20.34 -28.32
CA THR C 36 -14.44 -19.10 -28.97
C THR C 36 -13.55 -18.31 -28.04
N VAL C 37 -12.35 -17.99 -28.49
CA VAL C 37 -11.51 -17.09 -27.76
C VAL C 37 -11.57 -15.76 -28.47
N VAL C 38 -11.82 -14.71 -27.69
CA VAL C 38 -11.80 -13.37 -28.23
C VAL C 38 -10.69 -12.62 -27.58
N ALA C 39 -9.69 -12.20 -28.34
CA ALA C 39 -8.49 -11.69 -27.74
C ALA C 39 -7.81 -10.58 -28.52
N ASP C 40 -7.21 -9.64 -27.79
CA ASP C 40 -6.44 -8.56 -28.37
C ASP C 40 -5.01 -9.03 -28.64
N LEU C 41 -4.77 -9.45 -29.87
CA LEU C 41 -3.52 -10.05 -30.24
C LEU C 41 -2.44 -9.06 -30.57
N ASP C 42 -2.69 -7.78 -30.37
CA ASP C 42 -1.60 -6.80 -30.28
C ASP C 42 -0.87 -6.92 -28.96
N ASP C 43 -1.53 -7.45 -27.93
CA ASP C 43 -0.90 -7.56 -26.59
C ASP C 43 -0.54 -8.97 -26.25
N ILE C 44 0.48 -9.07 -25.42
CA ILE C 44 0.95 -10.37 -24.96
C ILE C 44 -0.19 -11.08 -24.24
N GLU C 45 -0.95 -10.37 -23.42
CA GLU C 45 -1.96 -11.03 -22.59
C GLU C 45 -3.02 -11.70 -23.47
N GLY C 46 -3.42 -11.05 -24.54
CA GLY C 46 -4.27 -11.69 -25.53
C GLY C 46 -3.62 -12.87 -26.23
N GLN C 47 -2.36 -12.70 -26.65
CA GLN C 47 -1.68 -13.77 -27.38
C GLN C 47 -1.57 -15.01 -26.52
N GLU C 48 -1.21 -14.78 -25.27
CA GLU C 48 -0.96 -15.83 -24.34
C GLU C 48 -2.21 -16.66 -24.18
N LEU C 49 -3.34 -16.01 -23.99
CA LEU C 49 -4.63 -16.67 -23.90
C LEU C 49 -4.94 -17.56 -25.12
N VAL C 50 -4.67 -17.04 -26.30
CA VAL C 50 -4.90 -17.81 -27.51
C VAL C 50 -3.94 -18.97 -27.53
N TYR C 51 -2.69 -18.74 -27.11
CA TYR C 51 -1.70 -19.81 -27.05
C TYR C 51 -2.21 -20.96 -26.20
N TYR C 52 -2.61 -20.67 -24.97
CA TYR C 52 -3.26 -21.66 -24.10
C TYR C 52 -4.47 -22.36 -24.73
N ALA C 53 -5.31 -21.60 -25.39
CA ALA C 53 -6.43 -22.17 -26.09
C ALA C 53 -5.95 -23.15 -27.15
N LEU C 54 -4.86 -22.82 -27.82
CA LEU C 54 -4.33 -23.69 -28.84
C LEU C 54 -3.84 -24.97 -28.20
N ARG C 55 -3.04 -24.82 -27.15
CA ARG C 55 -2.55 -25.97 -26.38
C ARG C 55 -3.69 -26.88 -25.88
N PHE C 56 -4.71 -26.27 -25.31
CA PHE C 56 -5.94 -26.97 -24.97
C PHE C 56 -6.52 -27.71 -26.16
N ARG C 57 -6.69 -27.04 -27.30
CA ARG C 57 -7.31 -27.73 -28.45
C ARG C 57 -6.47 -28.90 -28.89
N LYS C 58 -5.14 -28.76 -28.73
CA LYS C 58 -4.21 -29.79 -29.12
C LYS C 58 -4.49 -31.10 -28.39
N SER C 59 -4.91 -30.99 -27.12
CA SER C 59 -5.11 -32.14 -26.25
C SER C 59 -6.54 -32.65 -26.26
N ASN C 60 -7.45 -31.92 -26.90
CA ASN C 60 -8.88 -32.15 -26.70
C ASN C 60 -9.60 -31.98 -28.00
N ASP C 61 -9.59 -33.02 -28.82
CA ASP C 61 -9.86 -32.87 -30.23
C ASP C 61 -11.37 -32.92 -30.52
N GLY C 62 -12.19 -32.99 -29.48
CA GLY C 62 -13.62 -32.73 -29.59
C GLY C 62 -14.02 -31.26 -29.70
N VAL C 63 -13.08 -30.36 -29.39
CA VAL C 63 -13.35 -28.93 -29.34
C VAL C 63 -13.26 -28.26 -30.74
N ARG C 64 -14.24 -27.41 -31.06
CA ARG C 64 -14.11 -26.46 -32.18
C ARG C 64 -13.67 -25.09 -31.67
N LEU C 65 -12.43 -24.74 -31.99
CA LEU C 65 -11.84 -23.50 -31.56
C LEU C 65 -11.93 -22.54 -32.70
N ASP C 66 -12.48 -21.36 -32.45
CA ASP C 66 -12.24 -20.21 -33.32
C ASP C 66 -11.73 -18.99 -32.53
N ILE C 67 -11.04 -18.08 -33.21
CA ILE C 67 -10.29 -17.03 -32.55
C ILE C 67 -10.67 -15.68 -33.16
N VAL C 68 -11.11 -14.75 -32.31
CA VAL C 68 -11.54 -13.44 -32.77
C VAL C 68 -10.56 -12.40 -32.28
N HIS C 69 -9.90 -11.74 -33.22
CA HIS C 69 -8.95 -10.68 -32.87
C HIS C 69 -9.76 -9.45 -32.52
N ASN C 70 -9.51 -8.90 -31.34
CA ASN C 70 -10.34 -7.81 -30.79
C ASN C 70 -9.47 -6.75 -30.14
N PRO C 71 -8.77 -5.97 -30.96
CA PRO C 71 -7.76 -5.06 -30.46
C PRO C 71 -8.41 -3.87 -29.81
N LYS C 72 -7.79 -3.34 -28.76
CA LYS C 72 -8.18 -2.08 -28.15
C LYS C 72 -7.86 -0.91 -29.07
N ASP C 73 -6.72 -0.97 -29.75
CA ASP C 73 -6.34 0.11 -30.67
C ASP C 73 -6.69 -0.24 -32.11
N THR C 74 -7.39 0.67 -32.78
CA THR C 74 -8.02 0.40 -34.05
C THR C 74 -7.40 1.15 -35.17
N SER C 75 -6.34 1.85 -34.88
CA SER C 75 -5.65 2.59 -35.91
C SER C 75 -5.20 1.70 -37.08
N ARG C 76 -4.79 0.47 -36.80
CA ARG C 76 -4.72 -0.57 -37.81
C ARG C 76 -6.08 -1.30 -37.92
N SER C 77 -6.43 -1.77 -39.11
CA SER C 77 -7.63 -2.61 -39.27
C SER C 77 -7.47 -3.89 -38.46
N PRO C 78 -8.45 -4.17 -37.59
CA PRO C 78 -8.50 -5.50 -36.98
C PRO C 78 -8.32 -6.63 -38.00
N SER C 79 -8.86 -6.45 -39.19
CA SER C 79 -8.84 -7.48 -40.18
C SER C 79 -7.45 -7.89 -40.65
N VAL C 80 -6.45 -7.08 -40.38
CA VAL C 80 -5.12 -7.47 -40.79
C VAL C 80 -4.63 -8.68 -40.00
N LEU C 81 -4.47 -8.55 -38.70
CA LEU C 81 -4.10 -9.70 -37.89
C LEU C 81 -5.03 -10.90 -38.06
N ALA C 82 -6.32 -10.67 -38.20
CA ALA C 82 -7.26 -11.78 -38.39
C ALA C 82 -6.99 -12.59 -39.65
N GLN C 83 -6.57 -11.89 -40.70
CA GLN C 83 -6.23 -12.49 -41.98
C GLN C 83 -4.88 -13.20 -41.92
N ARG C 84 -3.93 -12.58 -41.22
CA ARG C 84 -2.64 -13.22 -40.96
C ARG C 84 -2.86 -14.61 -40.33
N LEU C 85 -3.75 -14.66 -39.35
CA LEU C 85 -3.99 -15.88 -38.61
C LEU C 85 -4.80 -16.85 -39.40
N LYS C 86 -5.79 -16.32 -40.10
CA LYS C 86 -6.61 -17.12 -41.01
C LYS C 86 -5.81 -17.78 -42.13
N SER C 87 -4.86 -17.04 -42.69
CA SER C 87 -3.96 -17.59 -43.70
C SER C 87 -3.26 -18.83 -43.14
N ARG C 88 -2.78 -18.73 -41.89
CA ARG C 88 -2.00 -19.77 -41.25
C ARG C 88 -2.89 -20.67 -40.37
N GLU C 89 -4.13 -20.86 -40.81
CA GLU C 89 -5.15 -21.56 -40.01
C GLU C 89 -4.87 -23.06 -39.83
N ASP C 90 -4.39 -23.71 -40.89
CA ASP C 90 -4.02 -25.11 -40.80
C ASP C 90 -2.82 -25.32 -39.89
N LYS C 91 -1.90 -24.35 -39.86
CA LYS C 91 -0.62 -24.48 -39.16
C LYS C 91 -0.73 -24.35 -37.63
N LEU C 92 -1.92 -24.07 -37.12
CA LEU C 92 -2.04 -23.54 -35.76
C LEU C 92 -1.76 -24.59 -34.69
N LEU C 93 -2.08 -25.83 -35.00
CA LEU C 93 -1.78 -26.91 -34.08
C LEU C 93 -0.33 -27.39 -34.20
N ASP C 94 0.35 -27.06 -35.29
CA ASP C 94 1.76 -27.37 -35.41
C ASP C 94 2.64 -26.45 -34.56
N PHE C 95 2.09 -25.35 -34.06
CA PHE C 95 2.85 -24.47 -33.17
C PHE C 95 3.35 -25.29 -32.00
N THR C 96 4.54 -24.93 -31.54
CA THR C 96 5.19 -25.63 -30.41
C THR C 96 5.74 -24.71 -29.36
N ARG C 97 5.58 -23.42 -29.58
CA ARG C 97 6.44 -22.43 -28.98
C ARG C 97 5.66 -21.15 -29.05
N PHE C 98 5.66 -20.38 -27.97
CA PHE C 98 4.92 -19.14 -28.01
C PHE C 98 5.37 -18.28 -29.18
N LEU C 99 6.66 -18.35 -29.51
CA LEU C 99 7.18 -17.60 -30.63
C LEU C 99 6.54 -17.92 -32.00
N ASP C 100 6.10 -19.16 -32.22
CA ASP C 100 5.46 -19.52 -33.48
C ASP C 100 4.22 -18.66 -33.72
N LEU C 101 3.54 -18.30 -32.64
CA LEU C 101 2.33 -17.50 -32.72
C LEU C 101 2.68 -16.05 -33.02
N GLU C 102 3.54 -15.47 -32.20
CA GLU C 102 4.11 -14.13 -32.45
C GLU C 102 4.51 -13.93 -33.91
N THR C 103 5.28 -14.87 -34.42
CA THR C 103 5.68 -14.91 -35.82
C THR C 103 4.48 -14.84 -36.77
N ALA C 104 3.50 -15.69 -36.51
CA ALA C 104 2.32 -15.78 -37.36
C ALA C 104 1.53 -14.47 -37.40
N LEU C 105 1.59 -13.71 -36.31
CA LEU C 105 0.85 -12.46 -36.21
C LEU C 105 1.66 -11.30 -36.70
N GLU C 106 2.94 -11.56 -36.98
CA GLU C 106 3.91 -10.50 -37.20
C GLU C 106 3.95 -10.14 -38.68
N THR C 107 3.54 -11.05 -39.56
CA THR C 107 3.92 -10.94 -40.96
C THR C 107 2.88 -11.46 -41.92
N GLY C 108 2.82 -10.85 -43.09
CA GLY C 108 1.71 -11.04 -44.03
C GLY C 108 1.16 -9.66 -44.35
N GLU C 109 1.30 -9.18 -45.58
CA GLU C 109 0.54 -8.02 -46.08
C GLU C 109 -0.85 -8.42 -46.44
N PHE C 110 -1.84 -7.75 -45.84
CA PHE C 110 -3.22 -7.91 -46.28
C PHE C 110 -3.91 -6.56 -46.42
N GLU C 111 -4.74 -6.44 -47.45
CA GLU C 111 -5.64 -5.31 -47.56
C GLU C 111 -6.68 -5.40 -46.45
N PRO C 112 -6.88 -4.31 -45.70
CA PRO C 112 -8.03 -4.24 -44.79
C PRO C 112 -9.33 -4.77 -45.38
N ASP C 113 -10.03 -5.60 -44.60
CA ASP C 113 -11.38 -6.02 -44.89
C ASP C 113 -12.32 -5.22 -44.02
N VAL C 114 -12.97 -4.23 -44.62
CA VAL C 114 -13.87 -3.35 -43.89
C VAL C 114 -15.05 -4.13 -43.37
N ALA C 115 -15.55 -5.08 -44.16
CA ALA C 115 -16.77 -5.80 -43.79
C ALA C 115 -16.51 -6.64 -42.55
N TYR C 116 -15.34 -7.26 -42.50
CA TYR C 116 -14.85 -7.87 -41.26
C TYR C 116 -14.88 -6.89 -40.07
N ASP C 117 -14.28 -5.72 -40.25
CA ASP C 117 -14.15 -4.75 -39.17
C ASP C 117 -15.52 -4.34 -38.68
N ALA C 118 -16.47 -4.18 -39.61
CA ALA C 118 -17.86 -3.90 -39.25
C ALA C 118 -18.46 -5.04 -38.45
N SER C 119 -18.39 -6.24 -39.00
CA SER C 119 -18.85 -7.44 -38.30
C SER C 119 -18.36 -7.54 -36.87
N LEU C 120 -17.08 -7.31 -36.67
CA LEU C 120 -16.50 -7.27 -35.34
C LEU C 120 -17.19 -6.23 -34.46
N ALA C 121 -17.49 -5.07 -35.06
CA ALA C 121 -18.00 -3.95 -34.29
C ALA C 121 -19.40 -4.21 -33.82
N ASN C 122 -20.16 -4.89 -34.66
CA ASN C 122 -21.45 -5.42 -34.26
C ASN C 122 -21.32 -6.45 -33.12
N PHE C 123 -20.57 -7.50 -33.39
CA PHE C 123 -20.41 -8.57 -32.47
C PHE C 123 -20.12 -8.02 -31.10
N LEU C 124 -19.25 -7.01 -31.03
CA LEU C 124 -18.87 -6.43 -29.74
C LEU C 124 -20.04 -5.74 -29.08
N ALA C 125 -20.78 -4.96 -29.86
CA ALA C 125 -21.85 -4.15 -29.31
C ALA C 125 -22.97 -5.07 -28.86
N SER C 126 -23.36 -5.98 -29.74
CA SER C 126 -24.47 -6.86 -29.45
C SER C 126 -24.12 -7.90 -28.40
N SER C 127 -22.83 -8.15 -28.18
CA SER C 127 -22.40 -8.95 -27.05
C SER C 127 -21.82 -8.11 -25.89
N ASN C 128 -22.16 -6.83 -25.81
CA ASN C 128 -21.86 -5.99 -24.63
C ASN C 128 -20.46 -6.19 -24.13
N MSE C 129 -19.53 -6.38 -25.05
CA MSE C 129 -18.11 -6.41 -24.75
C MSE C 129 -17.43 -5.34 -25.55
O MSE C 129 -17.96 -4.86 -26.51
CB MSE C 129 -17.76 -7.87 -25.00
CG MSE C 129 -17.44 -8.52 -26.35
SE MSE C 129 -17.34 -10.55 -26.20
CE MSE C 129 -15.53 -10.93 -26.80
N LYS C 130 -16.28 -4.91 -25.06
CA LYS C 130 -15.60 -3.73 -25.56
C LYS C 130 -14.45 -4.17 -26.43
N ALA C 131 -14.02 -3.30 -27.33
CA ALA C 131 -12.75 -3.46 -28.05
C ALA C 131 -11.62 -3.54 -27.07
N GLY C 132 -10.75 -4.52 -27.24
CA GLY C 132 -9.64 -4.74 -26.33
C GLY C 132 -9.87 -5.87 -25.35
N ASP C 133 -11.13 -6.21 -25.11
CA ASP C 133 -11.47 -7.19 -24.08
C ASP C 133 -11.05 -8.57 -24.50
N ASN C 134 -10.50 -9.31 -23.54
CA ASN C 134 -10.25 -10.74 -23.71
C ASN C 134 -11.31 -11.58 -23.01
N PHE C 135 -12.02 -12.38 -23.78
CA PHE C 135 -13.02 -13.28 -23.25
C PHE C 135 -12.99 -14.59 -23.95
N VAL C 136 -13.47 -15.63 -23.28
CA VAL C 136 -13.90 -16.82 -23.99
C VAL C 136 -15.39 -17.10 -23.90
N ILE C 137 -15.92 -17.70 -24.96
CA ILE C 137 -17.26 -18.18 -24.96
C ILE C 137 -17.16 -19.67 -25.08
N LEU C 138 -17.75 -20.37 -24.12
CA LEU C 138 -17.78 -21.83 -24.13
C LEU C 138 -19.22 -22.36 -24.17
N ASN C 139 -19.57 -22.98 -25.30
CA ASN C 139 -20.97 -23.34 -25.59
C ASN C 139 -21.98 -22.28 -25.16
N GLY C 140 -21.79 -21.07 -25.62
CA GLY C 140 -22.70 -19.98 -25.29
C GLY C 140 -22.41 -19.25 -23.98
N ARG C 141 -21.53 -19.77 -23.13
CA ARG C 141 -21.24 -19.09 -21.84
C ARG C 141 -20.04 -18.13 -21.91
N VAL C 142 -20.31 -16.83 -21.83
CA VAL C 142 -19.27 -15.81 -21.91
C VAL C 142 -18.54 -15.79 -20.59
N LEU C 143 -17.22 -15.96 -20.61
CA LEU C 143 -16.36 -15.87 -19.41
C LEU C 143 -15.28 -14.81 -19.53
N GLY C 144 -15.38 -13.74 -18.75
CA GLY C 144 -14.49 -12.57 -18.85
C GLY C 144 -15.15 -11.24 -18.49
N PRO C 145 -14.40 -10.11 -18.56
CA PRO C 145 -13.12 -10.04 -19.23
C PRO C 145 -12.07 -10.68 -18.42
N ILE C 146 -11.04 -11.16 -19.11
CA ILE C 146 -9.82 -11.63 -18.49
C ILE C 146 -8.72 -10.57 -18.50
N THR C 147 -8.50 -9.94 -17.35
CA THR C 147 -7.77 -8.66 -17.29
C THR C 147 -6.25 -8.89 -17.31
N ASP C 151 -6.11 -14.82 -13.77
CA ASP C 151 -5.46 -15.61 -14.81
C ASP C 151 -6.29 -16.77 -15.38
N PHE C 152 -5.78 -17.40 -16.43
CA PHE C 152 -6.54 -18.33 -17.25
C PHE C 152 -5.59 -19.05 -18.19
N LYS C 153 -5.27 -20.30 -17.87
CA LYS C 153 -4.37 -21.12 -18.68
C LYS C 153 -5.13 -22.38 -19.03
N LYS C 154 -4.44 -23.37 -19.57
CA LYS C 154 -5.14 -24.46 -20.24
C LYS C 154 -5.81 -25.42 -19.24
N GLU C 155 -5.38 -25.40 -17.98
CA GLU C 155 -6.14 -25.96 -16.86
C GLU C 155 -7.58 -25.47 -16.93
N ASP C 156 -7.71 -24.14 -16.94
CA ASP C 156 -8.97 -23.51 -16.70
C ASP C 156 -9.89 -23.78 -17.86
N PHE C 157 -9.37 -23.82 -19.07
CA PHE C 157 -10.13 -24.37 -20.18
C PHE C 157 -10.63 -25.77 -19.80
N GLU C 158 -9.71 -26.62 -19.33
CA GLU C 158 -10.04 -28.04 -19.10
C GLU C 158 -11.21 -28.16 -18.15
N VAL C 159 -11.11 -27.45 -17.02
CA VAL C 159 -12.15 -27.49 -15.99
C VAL C 159 -13.51 -26.99 -16.48
N PHE C 160 -13.52 -25.90 -17.23
CA PHE C 160 -14.79 -25.38 -17.73
C PHE C 160 -15.45 -26.33 -18.72
N LEU C 161 -14.63 -27.18 -19.36
CA LEU C 161 -15.16 -28.28 -20.17
C LEU C 161 -15.91 -29.32 -19.34
N GLN C 162 -15.48 -29.51 -18.10
CA GLN C 162 -16.29 -30.21 -17.10
C GLN C 162 -17.20 -29.21 -16.36
N LYS D 6 16.32 9.44 -1.04
CA LYS D 6 16.48 10.27 -2.27
C LYS D 6 15.13 10.81 -2.75
N ILE D 7 14.09 10.01 -2.58
CA ILE D 7 12.71 10.44 -2.80
C ILE D 7 12.29 11.71 -2.00
N TYR D 8 12.70 11.77 -0.75
CA TYR D 8 12.33 12.89 0.14
C TYR D 8 13.12 14.14 -0.25
N ILE D 9 14.35 13.94 -0.73
CA ILE D 9 15.29 15.03 -1.04
C ILE D 9 14.96 15.64 -2.40
N GLU D 10 14.77 14.78 -3.39
CA GLU D 10 14.52 15.24 -4.74
C GLU D 10 13.20 15.98 -4.94
N ASN D 11 12.37 16.12 -3.90
CA ASN D 11 11.02 16.59 -4.16
C ASN D 11 10.54 17.73 -3.28
N HIS D 12 11.46 18.44 -2.65
CA HIS D 12 11.12 19.45 -1.63
C HIS D 12 9.98 20.45 -2.05
N ASP D 13 9.86 20.78 -3.32
CA ASP D 13 8.83 21.73 -3.76
C ASP D 13 7.42 21.21 -3.56
N LEU D 14 7.13 20.08 -4.17
CA LEU D 14 5.90 19.34 -3.95
C LEU D 14 5.61 19.11 -2.48
N MSE D 15 6.56 18.50 -1.76
CA MSE D 15 6.35 18.04 -0.37
C MSE D 15 6.08 19.24 0.52
O MSE D 15 5.42 19.12 1.57
CB MSE D 15 7.55 17.24 0.20
CG MSE D 15 7.94 15.86 -0.36
SE MSE D 15 6.48 14.50 -0.54
CE MSE D 15 7.54 13.05 -1.36
N SER D 16 6.54 20.42 0.09
CA SER D 16 6.24 21.66 0.80
C SER D 16 4.83 22.22 0.56
N LYS D 17 4.12 21.68 -0.42
CA LYS D 17 2.77 22.16 -0.76
C LYS D 17 1.64 21.25 -0.31
N VAL D 18 1.96 20.02 0.06
CA VAL D 18 0.94 19.03 0.35
C VAL D 18 0.48 19.15 1.79
N PRO D 19 -0.67 18.55 2.09
CA PRO D 19 -1.15 18.49 3.47
C PRO D 19 -0.21 17.64 4.31
N VAL D 20 0.10 18.11 5.51
CA VAL D 20 0.89 17.32 6.47
C VAL D 20 0.29 17.32 7.91
N ILE D 21 0.10 16.11 8.44
CA ILE D 21 -0.13 15.90 9.86
C ILE D 21 1.18 15.48 10.51
N GLU D 22 1.73 16.41 11.28
CA GLU D 22 3.01 16.17 11.96
C GLU D 22 2.75 15.09 13.02
N ALA D 23 3.74 14.23 13.27
CA ALA D 23 3.72 13.39 14.46
C ALA D 23 3.58 14.28 15.69
N SER D 24 2.91 13.76 16.72
CA SER D 24 2.72 14.50 17.97
C SER D 24 4.06 14.84 18.62
N LYS D 25 4.12 16.03 19.23
CA LYS D 25 5.30 16.43 19.97
C LYS D 25 5.50 15.47 21.15
N GLU D 26 4.39 14.93 21.66
CA GLU D 26 4.37 14.13 22.88
C GLU D 26 4.48 12.63 22.63
N SER D 27 4.56 12.21 21.37
CA SER D 27 5.09 10.88 21.02
C SER D 27 6.61 10.77 21.16
N THR D 28 7.12 9.55 21.18
CA THR D 28 8.56 9.30 21.31
C THR D 28 9.25 9.09 19.95
N ARG D 29 10.58 9.09 19.96
CA ARG D 29 11.36 8.76 18.77
C ARG D 29 11.22 7.30 18.37
N ASP D 30 11.01 6.39 19.32
CA ASP D 30 10.78 4.97 18.96
C ASP D 30 9.43 4.73 18.29
N ASP D 31 8.46 5.62 18.54
CA ASP D 31 7.16 5.58 17.85
C ASP D 31 7.21 6.20 16.43
N TRP D 32 8.22 7.01 16.16
CA TRP D 32 8.16 7.93 15.04
C TRP D 32 8.32 7.19 13.70
N ALA D 33 7.53 7.61 12.71
CA ALA D 33 7.58 7.03 11.37
C ALA D 33 7.07 8.05 10.35
N ALA D 34 7.30 7.75 9.07
CA ALA D 34 7.01 8.68 7.98
C ALA D 34 6.14 8.01 6.95
N LEU D 35 4.86 8.38 6.95
CA LEU D 35 3.92 7.84 5.98
C LEU D 35 3.55 8.92 4.96
N THR D 36 3.76 8.61 3.69
CA THR D 36 3.16 9.36 2.57
C THR D 36 2.11 8.53 1.87
N VAL D 37 0.91 9.06 1.73
CA VAL D 37 -0.08 8.45 0.86
C VAL D 37 -0.15 9.26 -0.43
N VAL D 38 -0.07 8.56 -1.56
CA VAL D 38 -0.21 9.20 -2.84
C VAL D 38 -1.43 8.64 -3.51
N ALA D 39 -2.44 9.48 -3.74
CA ALA D 39 -3.75 8.97 -4.11
C ALA D 39 -4.53 9.87 -5.04
N ASP D 40 -5.28 9.26 -5.95
CA ASP D 40 -6.17 9.95 -6.87
C ASP D 40 -7.47 10.23 -6.17
N LEU D 41 -7.57 11.42 -5.64
CA LEU D 41 -8.74 11.82 -4.85
C LEU D 41 -9.92 12.31 -5.67
N ASP D 42 -9.87 12.22 -6.99
CA ASP D 42 -11.08 12.18 -7.81
C ASP D 42 -11.84 10.86 -7.70
N ASP D 43 -11.16 9.77 -7.33
CA ASP D 43 -11.83 8.47 -7.22
C ASP D 43 -12.04 8.06 -5.80
N ILE D 44 -13.09 7.27 -5.60
CA ILE D 44 -13.40 6.75 -4.31
C ILE D 44 -12.22 5.94 -3.80
N GLU D 45 -11.62 5.14 -4.67
CA GLU D 45 -10.58 4.21 -4.20
C GLU D 45 -9.41 4.99 -3.60
N GLY D 46 -9.03 6.09 -4.24
CA GLY D 46 -8.04 6.98 -3.67
C GLY D 46 -8.49 7.62 -2.37
N GLN D 47 -9.73 8.10 -2.32
CA GLN D 47 -10.23 8.78 -1.12
C GLN D 47 -10.22 7.84 0.05
N GLU D 48 -10.67 6.64 -0.23
CA GLU D 48 -10.84 5.64 0.78
C GLU D 48 -9.50 5.35 1.43
N LEU D 49 -8.48 5.15 0.61
CA LEU D 49 -7.10 4.95 1.09
C LEU D 49 -6.64 6.07 2.01
N VAL D 50 -6.90 7.30 1.61
CA VAL D 50 -6.51 8.43 2.43
C VAL D 50 -7.30 8.39 3.71
N TYR D 51 -8.58 8.06 3.60
CA TYR D 51 -9.42 7.99 4.78
C TYR D 51 -8.80 7.02 5.80
N TYR D 52 -8.53 5.80 5.37
CA TYR D 52 -7.85 4.83 6.20
C TYR D 52 -6.56 5.35 6.76
N ALA D 53 -5.77 6.04 5.94
CA ALA D 53 -4.53 6.61 6.43
C ALA D 53 -4.80 7.60 7.54
N LEU D 54 -5.87 8.35 7.40
CA LEU D 54 -6.22 9.31 8.41
C LEU D 54 -6.58 8.59 9.69
N ARG D 55 -7.45 7.59 9.57
CA ARG D 55 -7.88 6.78 10.71
C ARG D 55 -6.68 6.14 11.42
N PHE D 56 -5.78 5.57 10.62
CA PHE D 56 -4.49 5.11 11.13
C PHE D 56 -3.73 6.21 11.87
N ARG D 57 -3.57 7.39 11.27
CA ARG D 57 -2.82 8.43 11.96
C ARG D 57 -3.50 8.79 13.27
N LYS D 58 -4.82 8.70 13.29
CA LYS D 58 -5.61 9.07 14.46
C LYS D 58 -5.23 8.21 15.66
N SER D 59 -4.91 6.96 15.39
CA SER D 59 -4.60 5.98 16.43
C SER D 59 -3.13 5.89 16.77
N ASN D 60 -2.27 6.54 15.99
CA ASN D 60 -0.84 6.26 16.02
C ASN D 60 -0.09 7.54 15.85
N ASP D 61 0.07 8.26 16.95
CA ASP D 61 0.40 9.67 16.88
C ASP D 61 1.90 9.88 16.76
N GLY D 62 2.67 8.80 16.64
CA GLY D 62 4.05 8.88 16.21
C GLY D 62 4.27 9.11 14.72
N VAL D 63 3.23 8.92 13.92
CA VAL D 63 3.31 8.96 12.47
C VAL D 63 3.23 10.40 11.91
N ARG D 64 4.11 10.73 10.97
CA ARG D 64 3.95 11.92 10.14
C ARG D 64 3.31 11.54 8.81
N LEU D 65 2.06 11.96 8.65
CA LEU D 65 1.31 11.70 7.44
C LEU D 65 1.38 12.93 6.56
N ASP D 66 1.76 12.75 5.30
CA ASP D 66 1.41 13.71 4.25
C ASP D 66 0.72 13.05 3.05
N ILE D 67 -0.05 13.84 2.27
CA ILE D 67 -0.98 13.29 1.28
C ILE D 67 -0.73 13.97 -0.06
N VAL D 68 -0.46 13.18 -1.09
CA VAL D 68 -0.21 13.73 -2.42
C VAL D 68 -1.35 13.37 -3.36
N HIS D 69 -2.05 14.38 -3.86
CA HIS D 69 -3.15 14.13 -4.79
C HIS D 69 -2.53 13.84 -6.14
N ASN D 70 -2.91 12.71 -6.73
CA ASN D 70 -2.29 12.20 -7.95
C ASN D 70 -3.36 11.67 -8.91
N PRO D 71 -4.13 12.58 -9.50
CA PRO D 71 -5.21 12.18 -10.34
C PRO D 71 -4.76 11.59 -11.66
N LYS D 72 -5.51 10.61 -12.17
CA LYS D 72 -5.33 10.09 -13.51
C LYS D 72 -5.79 11.08 -14.58
N ASP D 73 -6.90 11.77 -14.32
CA ASP D 73 -7.40 12.78 -15.24
C ASP D 73 -6.91 14.18 -14.85
N THR D 74 -6.27 14.86 -15.82
CA THR D 74 -5.51 16.04 -15.52
C THR D 74 -6.14 17.26 -16.20
N SER D 75 -7.33 17.09 -16.73
CA SER D 75 -8.08 18.21 -17.28
C SER D 75 -8.36 19.35 -16.26
N ARG D 76 -8.63 19.01 -15.00
CA ARG D 76 -8.50 19.96 -13.90
C ARG D 76 -7.05 19.96 -13.37
N SER D 77 -6.59 21.09 -12.87
CA SER D 77 -5.30 21.13 -12.21
C SER D 77 -5.33 20.21 -10.98
N PRO D 78 -4.41 19.25 -10.92
CA PRO D 78 -4.18 18.61 -9.63
C PRO D 78 -4.18 19.57 -8.44
N SER D 79 -3.59 20.75 -8.63
CA SER D 79 -3.37 21.66 -7.51
C SER D 79 -4.65 22.17 -6.88
N VAL D 80 -5.76 22.01 -7.55
CA VAL D 80 -6.99 22.43 -6.95
C VAL D 80 -7.36 21.57 -5.72
N LEU D 81 -7.60 20.28 -5.92
CA LEU D 81 -7.83 19.42 -4.77
C LEU D 81 -6.71 19.48 -3.72
N ALA D 82 -5.45 19.59 -4.12
CA ALA D 82 -4.37 19.63 -3.16
C ALA D 82 -4.45 20.84 -2.23
N GLN D 83 -4.95 21.95 -2.81
CA GLN D 83 -5.10 23.19 -2.08
C GLN D 83 -6.33 23.15 -1.19
N ARG D 84 -7.39 22.52 -1.70
CA ARG D 84 -8.57 22.28 -0.91
C ARG D 84 -8.19 21.56 0.37
N LEU D 85 -7.35 20.54 0.24
CA LEU D 85 -7.00 19.70 1.37
C LEU D 85 -6.01 20.38 2.28
N LYS D 86 -5.08 21.07 1.67
CA LYS D 86 -4.10 21.85 2.40
C LYS D 86 -4.73 22.97 3.23
N SER D 87 -5.74 23.64 2.66
CA SER D 87 -6.48 24.65 3.39
C SER D 87 -7.05 24.03 4.68
N ARG D 88 -7.60 22.81 4.56
CA ARG D 88 -8.26 22.15 5.67
C ARG D 88 -7.31 21.16 6.40
N GLU D 89 -6.03 21.51 6.46
CA GLU D 89 -4.99 20.61 6.95
C GLU D 89 -5.08 20.33 8.46
N ASP D 90 -5.41 21.35 9.24
CA ASP D 90 -5.60 21.18 10.67
C ASP D 90 -6.80 20.30 10.96
N LYS D 91 -7.83 20.39 10.13
CA LYS D 91 -9.12 19.76 10.43
C LYS D 91 -9.12 18.24 10.18
N LEU D 92 -8.02 17.68 9.69
CA LEU D 92 -8.05 16.38 9.07
C LEU D 92 -8.22 15.24 10.07
N LEU D 93 -7.73 15.42 11.28
CA LEU D 93 -7.98 14.44 12.34
C LEU D 93 -9.34 14.62 13.03
N ASP D 94 -9.98 15.76 12.85
CA ASP D 94 -11.33 15.94 13.34
C ASP D 94 -12.37 15.21 12.49
N PHE D 95 -11.99 14.73 11.30
CA PHE D 95 -12.92 13.93 10.48
C PHE D 95 -13.37 12.72 11.26
N THR D 96 -14.62 12.32 11.06
CA THR D 96 -15.21 11.21 11.78
C THR D 96 -15.92 10.24 10.88
N ARG D 97 -15.94 10.55 9.60
CA ARG D 97 -16.96 10.07 8.70
C ARG D 97 -16.37 10.22 7.33
N PHE D 98 -16.55 9.22 6.49
CA PHE D 98 -16.00 9.32 5.17
C PHE D 98 -16.48 10.58 4.49
N LEU D 99 -17.72 10.96 4.77
CA LEU D 99 -18.28 12.14 4.16
C LEU D 99 -17.51 13.43 4.48
N ASP D 100 -16.91 13.52 5.64
CA ASP D 100 -16.17 14.74 6.00
C ASP D 100 -15.05 14.99 4.99
N LEU D 101 -14.49 13.90 4.46
CA LEU D 101 -13.39 13.98 3.51
C LEU D 101 -13.92 14.41 2.15
N GLU D 102 -14.92 13.68 1.66
CA GLU D 102 -15.64 14.06 0.43
C GLU D 102 -15.96 15.54 0.38
N THR D 103 -16.56 16.03 1.46
CA THR D 103 -16.89 17.43 1.62
C THR D 103 -15.66 18.32 1.46
N ALA D 104 -14.58 17.98 2.15
CA ALA D 104 -13.36 18.76 2.12
C ALA D 104 -12.76 18.84 0.72
N LEU D 105 -12.98 17.81 -0.09
CA LEU D 105 -12.44 17.75 -1.44
C LEU D 105 -13.38 18.35 -2.46
N GLU D 106 -14.59 18.68 -2.00
CA GLU D 106 -15.69 19.02 -2.88
C GLU D 106 -15.69 20.53 -3.13
N THR D 107 -15.11 21.31 -2.21
CA THR D 107 -15.39 22.73 -2.17
C THR D 107 -14.23 23.61 -1.72
N GLY D 108 -14.18 24.84 -2.23
CA GLY D 108 -13.03 25.71 -2.13
C GLY D 108 -12.66 26.10 -3.54
N GLU D 109 -12.82 27.38 -3.87
CA GLU D 109 -12.24 27.94 -5.10
C GLU D 109 -10.75 28.18 -4.92
N PHE D 110 -9.92 27.60 -5.79
CA PHE D 110 -8.51 27.96 -5.85
C PHE D 110 -8.04 28.17 -7.28
N GLU D 111 -7.17 29.16 -7.47
CA GLU D 111 -6.41 29.30 -8.70
C GLU D 111 -5.42 28.13 -8.85
N PRO D 112 -5.40 27.47 -10.02
CA PRO D 112 -4.34 26.51 -10.32
C PRO D 112 -2.94 26.99 -9.96
N ASP D 113 -2.18 26.12 -9.28
CA ASP D 113 -0.79 26.34 -9.03
C ASP D 113 -0.05 25.46 -10.03
N VAL D 114 0.46 26.09 -11.07
CA VAL D 114 1.22 25.37 -12.07
C VAL D 114 2.47 24.72 -11.47
N ALA D 115 3.13 25.43 -10.57
CA ALA D 115 4.42 24.97 -10.07
C ALA D 115 4.22 23.69 -9.29
N TYR D 116 3.13 23.65 -8.54
CA TYR D 116 2.68 22.42 -7.92
C TYR D 116 2.50 21.31 -8.95
N ASP D 117 1.76 21.60 -10.01
CA ASP D 117 1.46 20.58 -11.04
C ASP D 117 2.72 20.04 -11.72
N ALA D 118 3.68 20.93 -11.96
CA ALA D 118 5.01 20.53 -12.40
C ALA D 118 5.70 19.62 -11.39
N SER D 119 5.84 20.10 -10.15
CA SER D 119 6.44 19.32 -9.07
C SER D 119 5.91 17.90 -9.00
N LEU D 120 4.58 17.77 -9.08
CA LEU D 120 3.94 16.47 -9.12
C LEU D 120 4.41 15.64 -10.31
N ALA D 121 4.59 16.29 -11.45
CA ALA D 121 4.93 15.59 -12.67
C ALA D 121 6.36 15.04 -12.64
N ASN D 122 7.26 15.80 -12.01
CA ASN D 122 8.60 15.31 -11.63
C ASN D 122 8.52 14.10 -10.73
N PHE D 123 7.94 14.34 -9.57
CA PHE D 123 7.88 13.33 -8.54
C PHE D 123 7.46 12.02 -9.16
N LEU D 124 6.47 12.06 -10.04
CA LEU D 124 5.96 10.85 -10.62
C LEU D 124 7.00 10.21 -11.50
N ALA D 125 7.65 11.01 -12.33
CA ALA D 125 8.56 10.49 -13.35
C ALA D 125 9.81 9.94 -12.70
N SER D 126 10.37 10.72 -11.79
CA SER D 126 11.54 10.31 -11.07
C SER D 126 11.26 9.17 -10.08
N SER D 127 10.00 8.98 -9.65
CA SER D 127 9.64 7.79 -8.89
C SER D 127 8.93 6.73 -9.70
N ASN D 128 9.05 6.76 -11.02
CA ASN D 128 8.52 5.68 -11.88
C ASN D 128 7.12 5.21 -11.51
N MSE D 129 6.28 6.14 -11.08
CA MSE D 129 4.86 5.89 -10.83
C MSE D 129 4.12 6.79 -11.76
O MSE D 129 4.65 7.78 -12.24
CB MSE D 129 4.43 6.12 -9.37
CG MSE D 129 4.93 5.09 -8.34
SE MSE D 129 3.77 3.49 -8.05
CE MSE D 129 5.21 2.14 -8.07
N LYS D 130 2.88 6.42 -12.05
CA LYS D 130 2.10 7.06 -13.11
C LYS D 130 1.08 7.96 -12.43
N ALA D 131 0.60 8.95 -13.17
CA ALA D 131 -0.62 9.68 -12.78
C ALA D 131 -1.79 8.75 -12.62
N GLY D 132 -2.50 8.91 -11.52
CA GLY D 132 -3.62 8.02 -11.20
C GLY D 132 -3.30 6.94 -10.21
N ASP D 133 -2.01 6.60 -10.08
CA ASP D 133 -1.59 5.52 -9.21
C ASP D 133 -1.77 5.84 -7.75
N ASN D 134 -2.26 4.86 -7.01
CA ASN D 134 -2.32 4.96 -5.57
C ASN D 134 -1.19 4.16 -4.96
N PHE D 135 -0.35 4.81 -4.17
CA PHE D 135 0.64 4.10 -3.43
C PHE D 135 0.99 4.80 -2.14
N VAL D 136 1.52 4.05 -1.20
CA VAL D 136 2.10 4.63 0.02
C VAL D 136 3.61 4.46 0.10
N ILE D 137 4.27 5.44 0.71
CA ILE D 137 5.66 5.36 1.00
C ILE D 137 5.75 5.36 2.50
N LEU D 138 6.35 4.31 3.05
CA LEU D 138 6.54 4.19 4.49
C LEU D 138 8.04 4.12 4.84
N ASN D 139 8.53 5.16 5.50
CA ASN D 139 9.96 5.35 5.70
C ASN D 139 10.76 4.95 4.48
N GLY D 140 10.44 5.56 3.34
CA GLY D 140 11.21 5.33 2.13
C GLY D 140 10.78 4.12 1.33
N ARG D 141 9.90 3.25 1.90
CA ARG D 141 9.45 2.04 1.17
C ARG D 141 8.20 2.25 0.36
N VAL D 142 8.34 2.28 -0.97
CA VAL D 142 7.21 2.45 -1.83
C VAL D 142 6.41 1.15 -1.83
N LEU D 143 5.12 1.22 -1.49
CA LEU D 143 4.20 0.07 -1.59
C LEU D 143 3.01 0.34 -2.50
N GLY D 144 2.96 -0.34 -3.65
CA GLY D 144 1.92 -0.08 -4.66
C GLY D 144 2.42 -0.33 -6.06
N PRO D 145 1.53 -0.19 -7.06
CA PRO D 145 0.27 0.49 -6.91
C PRO D 145 -0.73 -0.35 -6.17
N ILE D 146 -1.67 0.33 -5.54
CA ILE D 146 -2.86 -0.29 -5.00
C ILE D 146 -4.06 -0.16 -5.91
N THR D 147 -4.39 -1.24 -6.61
CA THR D 147 -5.25 -1.16 -7.79
C THR D 147 -6.74 -1.06 -7.41
N ASP D 151 -6.35 -5.21 -1.64
CA ASP D 151 -6.90 -4.14 -0.78
C ASP D 151 -5.89 -3.68 0.30
N PHE D 152 -6.28 -2.65 1.05
CA PHE D 152 -5.37 -1.93 1.94
C PHE D 152 -6.22 -1.00 2.83
N LYS D 153 -6.40 -1.40 4.10
CA LYS D 153 -7.14 -0.62 5.09
C LYS D 153 -6.22 -0.43 6.27
N LYS D 154 -6.75 0.06 7.38
CA LYS D 154 -5.88 0.61 8.40
C LYS D 154 -5.14 -0.47 9.18
N GLU D 155 -5.65 -1.71 9.13
CA GLU D 155 -4.89 -2.91 9.51
C GLU D 155 -3.54 -2.90 8.83
N ASP D 156 -3.58 -2.80 7.51
CA ASP D 156 -2.40 -3.01 6.69
C ASP D 156 -1.39 -1.88 6.92
N PHE D 157 -1.84 -0.64 7.14
CA PHE D 157 -0.97 0.36 7.69
C PHE D 157 -0.35 -0.12 8.99
N GLU D 158 -1.18 -0.61 9.91
CA GLU D 158 -0.70 -1.01 11.24
C GLU D 158 0.42 -2.06 11.18
N VAL D 159 0.16 -3.12 10.42
CA VAL D 159 1.16 -4.18 10.23
C VAL D 159 2.48 -3.71 9.60
N PHE D 160 2.41 -2.86 8.57
CA PHE D 160 3.64 -2.39 7.94
C PHE D 160 4.46 -1.53 8.89
N LEU D 161 3.79 -0.94 9.88
CA LEU D 161 4.50 -0.25 10.94
C LEU D 161 5.31 -1.22 11.82
N GLN D 162 4.83 -2.46 11.97
CA GLN D 162 5.63 -3.55 12.56
C GLN D 162 6.42 -4.32 11.50
N ASP E 13 11.18 20.41 14.63
CA ASP E 13 10.94 18.99 14.24
C ASP E 13 12.22 18.32 13.81
N LEU E 14 13.07 19.10 13.16
CA LEU E 14 14.44 18.72 12.93
C LEU E 14 15.27 18.84 14.19
N MSE E 15 15.05 19.91 14.94
CA MSE E 15 16.04 20.40 15.89
C MSE E 15 15.80 19.79 17.25
O MSE E 15 16.68 19.82 18.10
CB MSE E 15 16.02 21.93 15.96
CG MSE E 15 16.58 22.63 14.72
SE MSE E 15 18.29 21.83 14.12
CE MSE E 15 18.70 23.27 12.83
N SER E 16 14.61 19.22 17.46
CA SER E 16 14.40 18.26 18.55
C SER E 16 15.31 17.02 18.47
N LYS E 17 15.71 16.62 17.26
CA LYS E 17 16.29 15.28 17.03
C LYS E 17 17.83 15.21 16.92
N VAL E 18 18.53 16.29 17.26
CA VAL E 18 19.90 16.46 16.81
C VAL E 18 20.91 16.38 17.97
N PRO E 19 22.14 15.90 17.69
CA PRO E 19 23.30 15.94 18.59
C PRO E 19 23.59 17.31 19.27
N VAL E 20 23.29 17.45 20.56
CA VAL E 20 23.34 18.75 21.25
C VAL E 20 24.22 18.75 22.54
N ILE E 21 24.94 19.84 22.82
CA ILE E 21 25.74 20.02 24.07
C ILE E 21 25.46 21.32 24.89
N GLU E 22 24.60 21.23 25.90
CA GLU E 22 23.87 22.40 26.39
C GLU E 22 24.65 23.18 27.47
N ALA E 34 25.01 30.33 20.74
CA ALA E 34 23.94 29.58 20.11
C ALA E 34 24.31 29.09 18.70
N LEU E 35 25.00 27.94 18.64
CA LEU E 35 25.69 27.50 17.42
C LEU E 35 24.98 26.29 16.80
N THR E 36 24.59 26.44 15.54
CA THR E 36 24.22 25.29 14.71
C THR E 36 25.26 25.06 13.63
N VAL E 37 26.16 24.10 13.83
CA VAL E 37 26.84 23.54 12.68
C VAL E 37 25.81 22.76 11.87
N VAL E 38 25.74 23.07 10.58
CA VAL E 38 25.39 22.09 9.58
C VAL E 38 26.68 21.67 8.88
N ALA E 39 26.79 20.40 8.52
CA ALA E 39 27.97 19.89 7.80
C ALA E 39 27.72 18.49 7.20
N ASP E 40 27.91 18.34 5.88
CA ASP E 40 28.06 17.00 5.24
C ASP E 40 29.17 16.17 5.89
N LEU E 41 28.76 15.26 6.78
CA LEU E 41 29.67 14.44 7.60
C LEU E 41 30.02 13.09 6.93
N ASP E 42 29.68 12.92 5.65
CA ASP E 42 30.28 11.87 4.79
C ASP E 42 31.71 12.19 4.32
N ASP E 43 32.07 13.48 4.27
CA ASP E 43 33.41 13.92 3.88
C ASP E 43 34.10 14.68 5.00
N ILE E 44 35.43 14.75 4.88
CA ILE E 44 36.33 15.16 5.98
C ILE E 44 36.21 16.65 6.31
N GLU E 45 35.74 17.45 5.36
CA GLU E 45 35.74 18.91 5.49
C GLU E 45 34.61 19.35 6.38
N GLY E 46 33.43 18.74 6.14
CA GLY E 46 32.33 18.74 7.09
C GLY E 46 32.68 18.19 8.46
N GLN E 47 33.23 16.99 8.50
CA GLN E 47 33.73 16.39 9.74
C GLN E 47 34.75 17.28 10.44
N GLU E 48 35.60 17.95 9.65
CA GLU E 48 36.54 18.94 10.17
C GLU E 48 35.80 20.10 10.85
N LEU E 49 34.68 20.51 10.28
CA LEU E 49 33.95 21.69 10.76
C LEU E 49 33.20 21.46 12.07
N VAL E 50 32.72 20.24 12.26
CA VAL E 50 32.20 19.79 13.56
C VAL E 50 33.33 19.67 14.60
N TYR E 51 34.47 19.06 14.23
CA TYR E 51 35.63 18.91 15.14
C TYR E 51 36.00 20.24 15.80
N TYR E 52 36.28 21.24 14.98
CA TYR E 52 36.64 22.56 15.48
C TYR E 52 35.52 23.22 16.29
N ALA E 53 34.27 22.97 15.88
CA ALA E 53 33.11 23.37 16.65
C ALA E 53 33.08 22.73 18.04
N LEU E 54 33.44 21.44 18.11
CA LEU E 54 33.51 20.75 19.40
C LEU E 54 34.58 21.38 20.28
N ARG E 55 35.84 21.33 19.84
CA ARG E 55 36.94 21.90 20.62
C ARG E 55 36.66 23.35 21.02
N PHE E 56 35.89 24.07 20.20
CA PHE E 56 35.35 25.37 20.57
C PHE E 56 34.22 25.34 21.61
N ARG E 57 33.28 24.38 21.50
CA ARG E 57 32.34 24.09 22.60
C ARG E 57 33.08 23.69 23.90
N LYS E 58 34.10 22.84 23.76
CA LYS E 58 34.87 22.34 24.92
C LYS E 58 35.57 23.51 25.64
N SER E 59 36.07 24.49 24.87
CA SER E 59 36.73 25.72 25.40
C SER E 59 35.77 26.75 26.01
N ASN E 60 34.63 26.95 25.33
CA ASN E 60 33.55 27.88 25.71
C ASN E 60 32.26 27.14 26.04
N ASP E 61 31.90 27.11 27.33
CA ASP E 61 31.03 26.07 27.87
C ASP E 61 29.75 26.68 28.45
N LEU E 65 26.19 24.01 21.30
CA LEU E 65 26.30 23.36 20.00
C LEU E 65 25.16 22.39 19.83
N ASP E 66 24.56 22.38 18.65
CA ASP E 66 24.04 21.15 18.07
C ASP E 66 24.36 21.01 16.59
N ILE E 67 24.23 19.80 16.07
CA ILE E 67 24.84 19.43 14.80
C ILE E 67 23.73 18.85 13.90
N VAL E 68 23.76 19.21 12.62
CA VAL E 68 22.73 18.80 11.67
C VAL E 68 23.39 18.14 10.46
N HIS E 69 23.54 16.82 10.52
CA HIS E 69 24.12 16.11 9.37
C HIS E 69 23.40 16.52 8.06
N ASN E 70 24.18 16.60 6.98
CA ASN E 70 23.78 17.29 5.75
C ASN E 70 24.51 16.70 4.54
N PRO E 71 24.11 15.48 4.13
CA PRO E 71 24.98 14.52 3.39
C PRO E 71 25.25 14.79 1.89
N SER E 77 19.87 7.34 4.01
CA SER E 77 19.12 8.13 4.99
C SER E 77 20.03 9.05 5.84
N PRO E 78 19.80 10.38 5.79
CA PRO E 78 20.55 11.33 6.65
C PRO E 78 20.28 11.22 8.17
N SER E 79 19.38 10.33 8.57
CA SER E 79 19.07 10.11 9.99
C SER E 79 20.00 9.11 10.66
N VAL E 80 20.55 8.19 9.88
CA VAL E 80 21.61 7.29 10.34
C VAL E 80 22.68 8.09 11.12
N LEU E 81 23.49 8.88 10.41
CA LEU E 81 24.72 9.47 10.98
C LEU E 81 24.47 10.53 12.08
N ALA E 82 23.27 11.12 12.11
CA ALA E 82 22.88 12.07 13.16
C ALA E 82 22.23 11.38 14.36
N GLN E 83 21.76 10.15 14.15
CA GLN E 83 21.42 9.24 15.25
C GLN E 83 22.69 8.68 15.89
N ARG E 84 23.55 8.06 15.07
CA ARG E 84 24.91 7.62 15.48
C ARG E 84 25.57 8.62 16.43
N LEU E 85 25.53 9.91 16.05
CA LEU E 85 26.07 11.02 16.89
C LEU E 85 25.14 11.40 18.08
N LYS E 86 23.85 11.07 17.97
CA LYS E 86 22.95 11.06 19.12
C LYS E 86 23.17 9.82 19.99
N GLU E 111 17.74 2.37 12.59
CA GLU E 111 16.70 2.35 11.57
C GLU E 111 16.36 3.78 11.01
N PRO E 112 16.03 3.87 9.70
CA PRO E 112 15.95 5.23 9.16
C PRO E 112 14.86 6.09 9.82
N ASP E 113 15.26 7.23 10.39
CA ASP E 113 14.35 8.34 10.78
C ASP E 113 14.04 9.32 9.59
N VAL E 114 12.87 9.17 9.00
CA VAL E 114 12.58 9.64 7.62
C VAL E 114 12.03 11.09 7.32
N ALA E 115 11.06 11.62 8.07
CA ALA E 115 11.02 13.05 8.52
C ALA E 115 11.74 13.45 9.84
N TYR E 116 12.87 12.82 10.14
CA TYR E 116 14.08 13.61 10.33
C TYR E 116 14.62 14.06 8.97
N ASP E 117 14.75 13.12 8.03
CA ASP E 117 15.19 13.45 6.67
C ASP E 117 14.32 14.55 6.02
N ALA E 118 13.00 14.31 5.92
CA ALA E 118 11.98 15.33 5.58
C ALA E 118 12.04 16.69 6.33
N SER E 119 12.16 16.68 7.66
CA SER E 119 12.32 17.95 8.42
C SER E 119 13.64 18.67 8.10
N LEU E 120 14.69 17.89 7.80
CA LEU E 120 16.02 18.38 7.35
C LEU E 120 15.99 18.90 5.91
N ALA E 121 15.45 18.08 5.02
CA ALA E 121 14.87 18.51 3.76
C ALA E 121 14.32 19.95 3.73
N ASN E 122 13.22 20.17 4.48
CA ASN E 122 12.52 21.45 4.55
C ASN E 122 13.30 22.54 5.21
N PHE E 123 14.09 22.15 6.20
CA PHE E 123 15.03 23.05 6.87
C PHE E 123 16.01 23.68 5.88
N LEU E 124 16.40 22.89 4.88
CA LEU E 124 17.30 23.33 3.81
C LEU E 124 16.54 24.16 2.80
N ALA E 125 15.32 23.72 2.47
CA ALA E 125 14.50 24.46 1.53
C ALA E 125 14.32 25.86 2.09
N SER E 126 13.71 25.94 3.26
CA SER E 126 13.30 27.22 3.83
C SER E 126 14.41 27.85 4.67
N SER E 127 15.64 27.34 4.53
CA SER E 127 16.85 28.17 4.69
C SER E 127 17.72 28.25 3.41
N ASN E 128 17.11 28.11 2.23
CA ASN E 128 17.76 28.45 0.95
C ASN E 128 19.14 27.77 0.74
N MSE E 129 19.33 26.57 1.30
CA MSE E 129 20.65 25.88 1.29
C MSE E 129 20.53 24.57 0.56
O MSE E 129 19.41 24.05 0.32
CB MSE E 129 21.20 25.65 2.70
CG MSE E 129 21.73 26.92 3.36
SE MSE E 129 23.62 27.31 2.92
CE MSE E 129 24.13 28.76 4.17
N LYS E 130 21.70 24.04 0.17
CA LYS E 130 21.85 22.70 -0.46
C LYS E 130 22.18 21.61 0.56
N ASP E 133 26.21 21.41 1.37
CA ASP E 133 26.73 22.58 2.07
C ASP E 133 27.09 22.24 3.47
N ASN E 134 28.05 22.98 4.00
CA ASN E 134 28.22 23.17 5.44
C ASN E 134 28.05 24.65 5.76
N PHE E 135 27.37 24.94 6.87
CA PHE E 135 27.26 26.33 7.33
C PHE E 135 26.98 26.45 8.81
N VAL E 136 27.28 27.62 9.34
CA VAL E 136 27.07 27.90 10.77
C VAL E 136 25.96 28.94 10.97
N ILE E 137 25.22 28.82 12.07
CA ILE E 137 24.15 29.77 12.45
C ILE E 137 24.48 30.24 13.87
N LEU E 138 25.57 30.96 14.00
CA LEU E 138 25.85 31.70 15.22
C LEU E 138 24.81 32.82 15.45
N ASN E 139 23.91 32.64 16.41
CA ASN E 139 22.80 33.60 16.71
C ASN E 139 22.08 34.24 15.51
N GLY E 140 21.14 33.50 14.93
CA GLY E 140 20.49 33.95 13.71
C GLY E 140 21.34 33.82 12.46
N ARG E 141 22.66 34.02 12.59
CA ARG E 141 23.49 34.57 11.51
C ARG E 141 24.12 33.48 10.66
N VAL E 142 23.39 33.01 9.64
CA VAL E 142 23.94 32.10 8.62
C VAL E 142 25.27 32.61 8.05
N LEU E 143 26.30 31.77 8.08
CA LEU E 143 27.56 31.97 7.36
C LEU E 143 27.90 30.68 6.63
N GLY E 144 28.10 30.77 5.33
CA GLY E 144 28.48 29.62 4.51
C GLY E 144 27.74 29.69 3.17
N PRO E 145 28.07 28.81 2.20
CA PRO E 145 28.62 27.43 2.32
C PRO E 145 29.96 27.27 3.08
N LYS E 153 38.05 27.20 11.13
CA LYS E 153 38.72 26.62 12.30
C LYS E 153 38.30 27.34 13.59
N LYS E 154 38.85 26.90 14.72
CA LYS E 154 38.31 27.24 16.06
C LYS E 154 38.72 28.64 16.55
N GLU E 155 39.60 29.29 15.78
CA GLU E 155 39.83 30.74 15.84
C GLU E 155 38.67 31.52 15.23
N ASP E 156 38.23 31.11 14.03
CA ASP E 156 37.10 31.74 13.35
C ASP E 156 35.85 31.85 14.23
N PHE E 157 35.42 30.72 14.79
CA PHE E 157 34.31 30.70 15.76
C PHE E 157 34.43 31.83 16.81
N GLU E 158 35.62 31.95 17.41
CA GLU E 158 35.88 32.98 18.41
C GLU E 158 35.91 34.38 17.77
N VAL F 18 8.77 45.08 35.49
CA VAL F 18 8.13 44.64 34.20
C VAL F 18 6.71 44.14 34.44
N PRO F 19 5.88 44.13 33.37
CA PRO F 19 4.58 43.46 33.43
C PRO F 19 4.71 41.95 33.62
N VAL F 20 3.91 41.40 34.54
CA VAL F 20 3.89 39.96 34.83
C VAL F 20 2.46 39.42 34.93
N ILE F 21 2.20 38.41 34.12
CA ILE F 21 1.07 37.52 34.28
C ILE F 21 1.54 36.23 34.98
N GLU F 22 1.16 36.07 36.24
CA GLU F 22 1.57 34.92 37.06
C GLU F 22 0.93 33.64 36.55
N ALA F 33 5.64 26.84 33.88
CA ALA F 33 6.77 27.25 33.05
C ALA F 33 6.99 28.75 33.18
N ALA F 34 8.15 29.19 32.70
CA ALA F 34 8.57 30.58 32.82
C ALA F 34 8.92 31.15 31.45
N LEU F 35 8.01 31.96 30.92
CA LEU F 35 8.23 32.62 29.65
C LEU F 35 8.53 34.10 29.86
N THR F 36 9.67 34.55 29.36
CA THR F 36 9.96 35.97 29.19
C THR F 36 9.99 36.32 27.71
N VAL F 37 9.20 37.32 27.32
CA VAL F 37 9.36 37.92 26.00
C VAL F 37 10.09 39.23 26.13
N VAL F 38 11.13 39.41 25.32
CA VAL F 38 11.88 40.65 25.29
C VAL F 38 11.72 41.26 23.93
N ALA F 39 11.09 42.43 23.86
CA ALA F 39 10.65 42.94 22.58
C ALA F 39 10.69 44.45 22.50
N ASP F 40 11.03 44.94 21.31
CA ASP F 40 11.01 46.36 20.98
C ASP F 40 9.59 46.76 20.59
N LEU F 41 8.86 47.29 21.56
CA LEU F 41 7.46 47.63 21.39
C LEU F 41 7.24 49.00 20.76
N ASP F 42 8.30 49.68 20.32
CA ASP F 42 8.16 50.77 19.35
C ASP F 42 7.88 50.24 17.96
N ASP F 43 8.25 48.98 17.68
CA ASP F 43 8.00 48.38 16.36
C ASP F 43 6.88 47.37 16.35
N ILE F 44 6.25 47.22 15.19
CA ILE F 44 5.19 46.24 15.01
C ILE F 44 5.73 44.84 15.27
N GLU F 45 6.92 44.55 14.79
CA GLU F 45 7.43 43.18 14.91
C GLU F 45 7.57 42.78 16.38
N GLY F 46 8.03 43.69 17.22
CA GLY F 46 8.03 43.46 18.66
C GLY F 46 6.65 43.33 19.27
N GLN F 47 5.73 44.20 18.87
CA GLN F 47 4.37 44.18 19.43
C GLN F 47 3.68 42.87 19.09
N GLU F 48 3.86 42.46 17.85
CA GLU F 48 3.22 41.28 17.33
C GLU F 48 3.64 40.05 18.14
N LEU F 49 4.95 39.92 18.38
CA LEU F 49 5.50 38.86 19.24
C LEU F 49 4.89 38.83 20.64
N VAL F 50 4.75 40.00 21.25
CA VAL F 50 4.13 40.08 22.56
C VAL F 50 2.66 39.68 22.46
N TYR F 51 2.00 40.13 21.40
CA TYR F 51 0.60 39.80 21.20
C TYR F 51 0.42 38.28 21.19
N TYR F 52 1.18 37.60 20.34
CA TYR F 52 1.21 36.14 20.34
C TYR F 52 1.51 35.52 21.71
N ALA F 53 2.50 36.05 22.42
CA ALA F 53 2.79 35.58 23.77
C ALA F 53 1.58 35.73 24.68
N LEU F 54 0.84 36.82 24.52
CA LEU F 54 -0.36 37.04 25.31
C LEU F 54 -1.42 35.99 24.99
N ARG F 55 -1.68 35.82 23.69
CA ARG F 55 -2.61 34.80 23.20
C ARG F 55 -2.23 33.40 23.71
N PHE F 56 -0.95 33.05 23.60
CA PHE F 56 -0.42 31.84 24.22
C PHE F 56 -0.71 31.76 25.73
N ARG F 57 -0.40 32.81 26.48
CA ARG F 57 -0.65 32.74 27.91
C ARG F 57 -2.14 32.54 28.20
N LYS F 58 -3.01 33.13 27.36
CA LYS F 58 -4.47 33.05 27.58
C LYS F 58 -4.93 31.60 27.55
N SER F 59 -4.24 30.79 26.74
CA SER F 59 -4.58 29.39 26.56
C SER F 59 -3.82 28.50 27.52
N VAL F 63 1.66 29.08 32.63
CA VAL F 63 2.81 29.87 32.20
C VAL F 63 2.88 31.17 33.00
N ARG F 64 4.08 31.52 33.47
CA ARG F 64 4.34 32.86 33.97
C ARG F 64 4.98 33.69 32.87
N LEU F 65 4.22 34.65 32.35
CA LEU F 65 4.68 35.52 31.30
C LEU F 65 5.11 36.83 31.92
N ASP F 66 6.32 37.28 31.61
CA ASP F 66 6.69 38.69 31.78
C ASP F 66 7.27 39.28 30.49
N ILE F 67 7.18 40.60 30.36
CA ILE F 67 7.45 41.27 29.08
C ILE F 67 8.45 42.39 29.29
N VAL F 68 9.57 42.34 28.57
CA VAL F 68 10.63 43.34 28.72
C VAL F 68 10.67 44.20 27.47
N HIS F 69 10.37 45.48 27.64
CA HIS F 69 10.44 46.39 26.53
C HIS F 69 11.91 46.68 26.29
N ASN F 70 12.36 46.49 25.05
CA ASN F 70 13.78 46.60 24.69
C ASN F 70 13.96 47.36 23.38
N PRO F 71 13.73 48.67 23.40
CA PRO F 71 13.73 49.46 22.19
C PRO F 71 15.13 49.65 21.65
N LYS F 72 15.25 49.69 20.32
CA LYS F 72 16.49 50.03 19.65
C LYS F 72 16.81 51.50 19.85
N ASP F 73 15.78 52.34 19.80
CA ASP F 73 15.98 53.76 19.99
C ASP F 73 15.68 54.17 21.44
N THR F 74 16.64 54.84 22.07
CA THR F 74 16.62 55.11 23.50
C THR F 74 16.46 56.59 23.83
N SER F 75 16.19 57.41 22.80
CA SER F 75 15.91 58.82 23.03
C SER F 75 14.71 59.07 23.97
N ARG F 76 13.67 58.24 23.90
CA ARG F 76 12.68 58.12 24.97
C ARG F 76 13.16 57.10 25.99
N SER F 77 12.82 57.30 27.26
CA SER F 77 13.13 56.30 28.27
C SER F 77 12.39 54.99 27.94
N PRO F 78 13.13 53.88 27.84
CA PRO F 78 12.47 52.58 27.83
C PRO F 78 11.38 52.44 28.90
N SER F 79 11.62 53.01 30.07
CA SER F 79 10.72 52.84 31.20
C SER F 79 9.34 53.40 30.94
N VAL F 80 9.19 54.26 29.94
CA VAL F 80 7.87 54.82 29.69
C VAL F 80 6.91 53.75 29.21
N LEU F 81 7.20 53.14 28.06
CA LEU F 81 6.36 52.04 27.58
C LEU F 81 6.23 50.90 28.59
N ALA F 82 7.30 50.59 29.32
CA ALA F 82 7.24 49.51 30.33
C ALA F 82 6.23 49.80 31.45
N GLN F 83 6.13 51.08 31.82
CA GLN F 83 5.18 51.54 32.84
C GLN F 83 3.76 51.60 32.31
N ARG F 84 3.61 52.03 31.04
CA ARG F 84 2.32 51.99 30.36
C ARG F 84 1.72 50.60 30.40
N LEU F 85 2.57 49.61 30.12
CA LEU F 85 2.14 48.22 30.10
C LEU F 85 1.95 47.64 31.50
N LYS F 86 2.85 48.01 32.40
CA LYS F 86 2.76 47.65 33.81
C LYS F 86 1.49 48.19 34.48
N SER F 87 1.12 49.44 34.17
CA SER F 87 -0.13 50.01 34.69
C SER F 87 -1.31 49.13 34.27
N ARG F 88 -1.32 48.67 33.01
CA ARG F 88 -2.43 47.89 32.44
C ARG F 88 -2.19 46.38 32.56
N GLU F 89 -1.49 45.97 33.61
CA GLU F 89 -0.94 44.60 33.74
C GLU F 89 -2.05 43.57 33.99
N ASP F 90 -3.04 43.97 34.78
CA ASP F 90 -4.36 43.33 34.76
C ASP F 90 -5.02 43.59 33.41
N ARG F 97 -7.75 41.85 20.36
CA ARG F 97 -7.52 42.56 19.11
C ARG F 97 -6.14 43.15 19.18
N PHE F 98 -5.38 43.06 18.11
CA PHE F 98 -4.05 43.62 18.15
C PHE F 98 -4.09 45.09 18.53
N LEU F 99 -5.14 45.79 18.13
CA LEU F 99 -5.30 47.20 18.47
C LEU F 99 -5.37 47.49 19.98
N ASP F 100 -5.92 46.56 20.77
CA ASP F 100 -5.96 46.75 22.22
C ASP F 100 -4.56 46.94 22.83
N LEU F 101 -3.57 46.28 22.23
CA LEU F 101 -2.17 46.37 22.68
C LEU F 101 -1.56 47.69 22.25
N GLU F 102 -1.63 48.00 20.96
CA GLU F 102 -1.25 49.32 20.44
C GLU F 102 -1.75 50.47 21.30
N THR F 103 -3.04 50.45 21.59
CA THR F 103 -3.68 51.42 22.48
C THR F 103 -2.97 51.50 23.83
N ALA F 104 -2.74 50.34 24.44
CA ALA F 104 -2.12 50.25 25.78
C ALA F 104 -0.71 50.83 25.80
N LEU F 105 -0.01 50.78 24.67
CA LEU F 105 1.36 51.29 24.55
C LEU F 105 1.39 52.77 24.18
N PRO F 112 10.03 59.07 33.56
CA PRO F 112 11.11 58.11 33.39
C PRO F 112 11.59 57.52 34.70
N ASP F 113 11.75 56.20 34.72
CA ASP F 113 12.44 55.49 35.78
C ASP F 113 13.87 55.17 35.33
N VAL F 114 14.83 55.93 35.84
CA VAL F 114 16.22 55.76 35.46
C VAL F 114 16.75 54.39 35.89
N ALA F 115 16.33 53.96 37.08
CA ALA F 115 16.85 52.72 37.65
C ALA F 115 16.40 51.53 36.81
N TYR F 116 15.15 51.57 36.36
CA TYR F 116 14.69 50.65 35.32
C TYR F 116 15.59 50.67 34.07
N ASP F 117 15.84 51.85 33.51
CA ASP F 117 16.64 51.97 32.27
C ASP F 117 18.05 51.41 32.43
N ALA F 118 18.65 51.66 33.59
CA ALA F 118 19.93 51.04 33.97
C ALA F 118 19.81 49.52 34.02
N SER F 119 18.88 49.02 34.81
CA SER F 119 18.62 47.58 34.91
C SER F 119 18.53 46.91 33.55
N LEU F 120 17.78 47.52 32.64
CA LEU F 120 17.67 47.02 31.27
C LEU F 120 19.03 46.94 30.58
N ALA F 121 19.85 47.96 30.81
CA ALA F 121 21.13 48.08 30.12
C ALA F 121 22.12 47.03 30.59
N ASN F 122 22.07 46.71 31.89
CA ASN F 122 22.73 45.52 32.45
C ASN F 122 22.25 44.25 31.78
N PHE F 123 20.96 44.00 31.97
CA PHE F 123 20.36 42.77 31.53
C PHE F 123 20.80 42.46 30.10
N LEU F 124 20.83 43.49 29.25
CA LEU F 124 21.21 43.32 27.85
C LEU F 124 22.68 42.93 27.72
N ALA F 125 23.56 43.62 28.44
CA ALA F 125 25.00 43.40 28.33
C ALA F 125 25.39 42.04 28.91
N SER F 126 24.89 41.76 30.11
CA SER F 126 25.16 40.49 30.77
C SER F 126 24.48 39.30 30.09
N SER F 127 23.42 39.53 29.31
CA SER F 127 22.84 38.48 28.47
C SER F 127 23.23 38.61 26.99
N ASN F 128 24.30 39.34 26.68
CA ASN F 128 24.85 39.38 25.31
C ASN F 128 23.78 39.54 24.22
N MSE F 129 22.75 40.34 24.51
CA MSE F 129 21.74 40.73 23.53
C MSE F 129 21.80 42.23 23.44
O MSE F 129 22.27 42.89 24.35
CB MSE F 129 20.31 40.25 23.86
CG MSE F 129 20.08 38.73 23.74
SE MSE F 129 19.48 38.08 21.95
CE MSE F 129 20.67 36.52 21.85
N LYS F 130 21.31 42.75 22.32
CA LYS F 130 21.46 44.16 21.98
C LYS F 130 20.13 44.86 22.21
N ALA F 131 20.18 46.18 22.41
CA ALA F 131 18.98 47.02 22.37
C ALA F 131 18.31 46.88 21.03
N GLY F 132 17.00 46.67 21.04
CA GLY F 132 16.25 46.48 19.81
C GLY F 132 15.92 45.04 19.51
N ASP F 133 16.70 44.11 20.08
CA ASP F 133 16.53 42.70 19.79
C ASP F 133 15.23 42.15 20.36
N ASN F 134 14.57 41.30 19.58
CA ASN F 134 13.45 40.50 20.06
C ASN F 134 13.86 39.08 20.36
N PHE F 135 13.68 38.65 21.59
CA PHE F 135 13.93 37.25 21.92
C PHE F 135 13.04 36.79 23.07
N VAL F 136 12.85 35.49 23.16
CA VAL F 136 12.18 34.91 24.31
C VAL F 136 13.13 34.06 25.13
N ILE F 137 12.90 34.03 26.43
CA ILE F 137 13.56 33.12 27.32
C ILE F 137 12.51 32.18 27.84
N LEU F 138 12.72 30.89 27.63
CA LEU F 138 11.81 29.88 28.14
C LEU F 138 12.53 28.94 29.11
N ASN F 139 12.13 29.01 30.38
CA ASN F 139 12.83 28.33 31.48
C ASN F 139 14.35 28.39 31.33
N GLY F 140 14.89 29.59 31.18
CA GLY F 140 16.32 29.76 31.04
C GLY F 140 16.88 29.62 29.63
N ARG F 141 16.10 29.15 28.65
CA ARG F 141 16.61 28.98 27.29
C ARG F 141 16.35 30.23 26.45
N VAL F 142 17.40 30.98 26.13
CA VAL F 142 17.29 32.16 25.27
C VAL F 142 17.07 31.74 23.80
N LEU F 143 15.99 32.20 23.18
CA LEU F 143 15.69 31.91 21.77
C LEU F 143 15.54 33.17 20.95
N GLY F 144 16.49 33.41 20.05
CA GLY F 144 16.53 34.65 19.27
C GLY F 144 17.95 35.10 18.99
N PRO F 145 18.12 36.23 18.26
CA PRO F 145 17.04 37.18 17.98
C PRO F 145 16.05 36.68 16.96
N ILE F 146 14.84 37.19 17.05
CA ILE F 146 13.80 36.99 16.08
C ILE F 146 13.74 38.18 15.15
N LYS F 153 4.96 32.59 16.06
CA LYS F 153 3.60 32.84 16.52
C LYS F 153 3.27 31.85 17.62
N LYS F 154 1.99 31.77 18.01
CA LYS F 154 1.66 31.12 19.27
C LYS F 154 1.74 29.59 19.19
N GLU F 155 1.72 29.04 17.96
CA GLU F 155 2.18 27.68 17.69
C GLU F 155 3.56 27.45 18.31
N ASP F 156 4.49 28.32 17.95
CA ASP F 156 5.89 28.10 18.24
C ASP F 156 6.15 28.22 19.75
N PHE F 157 5.42 29.10 20.42
CA PHE F 157 5.36 29.05 21.88
C PHE F 157 4.89 27.68 22.35
N GLU F 158 3.77 27.21 21.80
CA GLU F 158 3.18 25.94 22.24
C GLU F 158 4.20 24.82 22.18
N VAL F 159 4.88 24.73 21.05
CA VAL F 159 6.01 23.84 20.95
C VAL F 159 7.14 24.40 21.81
#